data_248D
# 
_entry.id   248D 
# 
_audit_conform.dict_name       mmcif_pdbx.dic 
_audit_conform.dict_version    5.387 
_audit_conform.dict_location   http://mmcif.pdb.org/dictionaries/ascii/mmcif_pdbx.dic 
# 
loop_
_database_2.database_id 
_database_2.database_code 
_database_2.pdbx_database_accession 
_database_2.pdbx_DOI 
PDB   248D         pdb_0000248d 10.2210/pdb248d/pdb 
RCSB  UHK046       ?            ?                   
WWPDB D_1000177647 ?            ?                   
# 
loop_
_pdbx_audit_revision_history.ordinal 
_pdbx_audit_revision_history.data_content_type 
_pdbx_audit_revision_history.major_revision 
_pdbx_audit_revision_history.minor_revision 
_pdbx_audit_revision_history.revision_date 
1 'Structure model' 1 0 1996-03-08 
2 'Structure model' 1 1 2008-05-22 
3 'Structure model' 1 2 2011-07-13 
4 'Structure model' 1 3 2011-11-16 
5 'Structure model' 1 4 2024-02-14 
# 
_pdbx_audit_revision_details.ordinal             1 
_pdbx_audit_revision_details.revision_ordinal    1 
_pdbx_audit_revision_details.data_content_type   'Structure model' 
_pdbx_audit_revision_details.provider            repository 
_pdbx_audit_revision_details.type                'Initial release' 
_pdbx_audit_revision_details.description         ? 
_pdbx_audit_revision_details.details             ? 
# 
loop_
_pdbx_audit_revision_group.ordinal 
_pdbx_audit_revision_group.revision_ordinal 
_pdbx_audit_revision_group.data_content_type 
_pdbx_audit_revision_group.group 
1 2 'Structure model' 'Version format compliance' 
2 3 'Structure model' 'Version format compliance' 
3 4 'Structure model' 'Atomic model'              
4 5 'Structure model' 'Data collection'           
5 5 'Structure model' 'Database references'       
6 5 'Structure model' 'Derived calculations'      
# 
loop_
_pdbx_audit_revision_category.ordinal 
_pdbx_audit_revision_category.revision_ordinal 
_pdbx_audit_revision_category.data_content_type 
_pdbx_audit_revision_category.category 
1 5 'Structure model' chem_comp_atom 
2 5 'Structure model' chem_comp_bond 
3 5 'Structure model' database_2     
4 5 'Structure model' struct_site    
# 
loop_
_pdbx_audit_revision_item.ordinal 
_pdbx_audit_revision_item.revision_ordinal 
_pdbx_audit_revision_item.data_content_type 
_pdbx_audit_revision_item.item 
1 5 'Structure model' '_database_2.pdbx_DOI'                
2 5 'Structure model' '_database_2.pdbx_database_accession' 
3 5 'Structure model' '_struct_site.pdbx_auth_asym_id'      
4 5 'Structure model' '_struct_site.pdbx_auth_comp_id'      
5 5 'Structure model' '_struct_site.pdbx_auth_seq_id'       
# 
_pdbx_database_status.status_code                     REL 
_pdbx_database_status.entry_id                        248D 
_pdbx_database_status.recvd_initial_deposition_date   1996-02-02 
_pdbx_database_status.deposit_site                    NDB 
_pdbx_database_status.process_site                    NDB 
_pdbx_database_status.SG_entry                        . 
_pdbx_database_status.pdb_format_compatible           Y 
_pdbx_database_status.status_code_mr                  ? 
_pdbx_database_status.status_code_sf                  ? 
_pdbx_database_status.status_code_cs                  ? 
_pdbx_database_status.status_code_nmr_data            ? 
_pdbx_database_status.methods_development_category    ? 
# 
loop_
_audit_author.name 
_audit_author.pdbx_ordinal 
'Portmann, S.' 1 
'Grimm, S.'    2 
'Workman, C.'  3 
'Usman, N.'    4 
'Egli, M.'     5 
# 
_citation.id                        primary 
_citation.title                     
'Crystal structures of an A-form duplex with single-adenosine bulges and a conformational basis for site-specific RNA self-cleavage.' 
_citation.journal_abbrev            Chem.Biol. 
_citation.journal_volume            3 
_citation.page_first                173 
_citation.page_last                 184 
_citation.year                      1996 
_citation.journal_id_ASTM           CBOLE2 
_citation.country                   UK 
_citation.journal_id_ISSN           1074-5521 
_citation.journal_id_CSD            2050 
_citation.book_publisher            ? 
_citation.pdbx_database_id_PubMed   8807843 
_citation.pdbx_database_id_DOI      '10.1016/S1074-5521(96)90260-4' 
# 
loop_
_citation_author.citation_id 
_citation_author.name 
_citation_author.ordinal 
_citation_author.identifier_ORCID 
primary 'Portmann, S.' 1 ? 
primary 'Grimm, S.'    2 ? 
primary 'Workman, C.'  3 ? 
primary 'Usman, N.'    4 ? 
primary 'Egli, M.'     5 ? 
# 
loop_
_entity.id 
_entity.type 
_entity.src_method 
_entity.pdbx_description 
_entity.formula_weight 
_entity.pdbx_number_of_molecules 
_entity.pdbx_ec 
_entity.pdbx_mutation 
_entity.pdbx_fragment 
_entity.details 
1 polymer     syn 
;DNA/RNA (5'-R(*GP*CP*GP*)-D(*AP*TP*AP*TP*AP*)-R(*CP*GP*C)-3'), ORTHORHOMBIC
;
3454.211 1  ? ? ? ? 
2 non-polymer syn SPERMINE                                                                      202.340  2  ? ? ? ? 
3 water       nat water                                                                         18.015   38 ? ? ? ? 
# 
_entity_poly.entity_id                      1 
_entity_poly.type                           'polydeoxyribonucleotide/polyribonucleotide hybrid' 
_entity_poly.nstd_linkage                   no 
_entity_poly.nstd_monomer                   no 
_entity_poly.pdbx_seq_one_letter_code       'GCG(DA)(DT)(DA)(DT)(DA)CGC' 
_entity_poly.pdbx_seq_one_letter_code_can   GCGATATACGC 
_entity_poly.pdbx_strand_id                 A 
_entity_poly.pdbx_target_identifier         ? 
# 
loop_
_pdbx_entity_nonpoly.entity_id 
_pdbx_entity_nonpoly.name 
_pdbx_entity_nonpoly.comp_id 
2 SPERMINE SPM 
3 water    HOH 
# 
loop_
_entity_poly_seq.entity_id 
_entity_poly_seq.num 
_entity_poly_seq.mon_id 
_entity_poly_seq.hetero 
1 1  G  n 
1 2  C  n 
1 3  G  n 
1 4  DA n 
1 5  DT n 
1 6  DA n 
1 7  DT n 
1 8  DA n 
1 9  C  n 
1 10 G  n 
1 11 C  n 
# 
loop_
_chem_comp.id 
_chem_comp.type 
_chem_comp.mon_nstd_flag 
_chem_comp.name 
_chem_comp.pdbx_synonyms 
_chem_comp.formula 
_chem_comp.formula_weight 
C   'RNA linking' y "CYTIDINE-5'-MONOPHOSPHATE"          ? 'C9 H14 N3 O8 P'  323.197 
DA  'DNA linking' y "2'-DEOXYADENOSINE-5'-MONOPHOSPHATE" ? 'C10 H14 N5 O6 P' 331.222 
DT  'DNA linking' y "THYMIDINE-5'-MONOPHOSPHATE"         ? 'C10 H15 N2 O8 P' 322.208 
G   'RNA linking' y "GUANOSINE-5'-MONOPHOSPHATE"         ? 'C10 H14 N5 O8 P' 363.221 
HOH non-polymer   . WATER                                ? 'H2 O'            18.015  
SPM non-polymer   . SPERMINE                             ? 'C10 H26 N4'      202.340 
# 
loop_
_pdbx_poly_seq_scheme.asym_id 
_pdbx_poly_seq_scheme.entity_id 
_pdbx_poly_seq_scheme.seq_id 
_pdbx_poly_seq_scheme.mon_id 
_pdbx_poly_seq_scheme.ndb_seq_num 
_pdbx_poly_seq_scheme.pdb_seq_num 
_pdbx_poly_seq_scheme.auth_seq_num 
_pdbx_poly_seq_scheme.pdb_mon_id 
_pdbx_poly_seq_scheme.auth_mon_id 
_pdbx_poly_seq_scheme.pdb_strand_id 
_pdbx_poly_seq_scheme.pdb_ins_code 
_pdbx_poly_seq_scheme.hetero 
A 1 1  G  1  1  1  G  G A . n 
A 1 2  C  2  2  2  C  C A . n 
A 1 3  G  3  3  3  G  G A . n 
A 1 4  DA 4  4  4  DA A A . n 
A 1 5  DT 5  5  5  DT T A . n 
A 1 6  DA 6  6  6  DA A A . n 
A 1 7  DT 7  7  7  DT T A . n 
A 1 8  DA 8  8  8  DA A A . n 
A 1 9  C  9  9  9  C  C A . n 
A 1 10 G  10 10 10 G  G A . n 
A 1 11 C  11 11 11 C  C A . n 
# 
loop_
_pdbx_nonpoly_scheme.asym_id 
_pdbx_nonpoly_scheme.entity_id 
_pdbx_nonpoly_scheme.mon_id 
_pdbx_nonpoly_scheme.ndb_seq_num 
_pdbx_nonpoly_scheme.pdb_seq_num 
_pdbx_nonpoly_scheme.auth_seq_num 
_pdbx_nonpoly_scheme.pdb_mon_id 
_pdbx_nonpoly_scheme.auth_mon_id 
_pdbx_nonpoly_scheme.pdb_strand_id 
_pdbx_nonpoly_scheme.pdb_ins_code 
B 2 SPM 1  12 12 SPM SPM A . 
C 2 SPM 1  13 13 SPM SPM A . 
D 3 HOH 1  14 14 HOH HOH A . 
D 3 HOH 2  15 15 HOH HOH A . 
D 3 HOH 3  16 16 HOH HOH A . 
D 3 HOH 4  17 17 HOH HOH A . 
D 3 HOH 5  18 18 HOH HOH A . 
D 3 HOH 6  19 19 HOH HOH A . 
D 3 HOH 7  20 20 HOH HOH A . 
D 3 HOH 8  21 21 HOH HOH A . 
D 3 HOH 9  22 22 HOH HOH A . 
D 3 HOH 10 23 23 HOH HOH A . 
D 3 HOH 11 24 24 HOH HOH A . 
D 3 HOH 12 25 25 HOH HOH A . 
D 3 HOH 13 26 26 HOH HOH A . 
D 3 HOH 14 27 27 HOH HOH A . 
D 3 HOH 15 28 28 HOH HOH A . 
D 3 HOH 16 29 29 HOH HOH A . 
D 3 HOH 17 30 30 HOH HOH A . 
D 3 HOH 18 31 31 HOH HOH A . 
D 3 HOH 19 32 32 HOH HOH A . 
D 3 HOH 20 33 33 HOH HOH A . 
D 3 HOH 21 34 34 HOH HOH A . 
D 3 HOH 22 35 35 HOH HOH A . 
D 3 HOH 23 36 36 HOH HOH A . 
D 3 HOH 24 37 37 HOH HOH A . 
D 3 HOH 25 38 38 HOH HOH A . 
D 3 HOH 26 39 39 HOH HOH A . 
D 3 HOH 27 40 40 HOH HOH A . 
D 3 HOH 28 41 41 HOH HOH A . 
D 3 HOH 29 42 42 HOH HOH A . 
D 3 HOH 30 43 43 HOH HOH A . 
D 3 HOH 31 44 44 HOH HOH A . 
D 3 HOH 32 45 45 HOH HOH A . 
D 3 HOH 33 46 46 HOH HOH A . 
D 3 HOH 34 47 47 HOH HOH A . 
D 3 HOH 35 48 48 HOH HOH A . 
D 3 HOH 36 49 49 HOH HOH A . 
D 3 HOH 37 50 50 HOH HOH A . 
D 3 HOH 38 51 51 HOH HOH A . 
# 
loop_
_software.name 
_software.classification 
_software.version 
_software.citation_id 
_software.pdbx_ordinal 
X-PLOR refinement       . ? 1 
R-AXIS 'data reduction' . ? 2 
# 
_cell.entry_id           248D 
_cell.length_a           25.890 
_cell.length_b           33.970 
_cell.length_c           57.560 
_cell.angle_alpha        90.00 
_cell.angle_beta         90.00 
_cell.angle_gamma        90.00 
_cell.Z_PDB              8 
_cell.pdbx_unique_axis   ? 
# 
_symmetry.entry_id                         248D 
_symmetry.space_group_name_H-M             'C 2 2 21' 
_symmetry.pdbx_full_space_group_name_H-M   ? 
_symmetry.cell_setting                     ? 
_symmetry.Int_Tables_number                20 
# 
_exptl.entry_id          248D 
_exptl.method            'X-RAY DIFFRACTION' 
_exptl.crystals_number   ? 
# 
_exptl_crystal.id                    1 
_exptl_crystal.density_meas          ? 
_exptl_crystal.density_Matthews      1.83 
_exptl_crystal.density_percent_sol   32.86 
_exptl_crystal.description           ? 
# 
_exptl_crystal_grow.crystal_id      1 
_exptl_crystal_grow.method          'VAPOR DIFFUSION' 
_exptl_crystal_grow.temp            ? 
_exptl_crystal_grow.temp_details    ? 
_exptl_crystal_grow.pH              7.40 
_exptl_crystal_grow.pdbx_details    'pH 7.40, VAPOR DIFFUSION' 
_exptl_crystal_grow.pdbx_pH_range   ? 
# 
loop_
_exptl_crystal_grow_comp.crystal_id 
_exptl_crystal_grow_comp.id 
_exptl_crystal_grow_comp.sol_id 
_exptl_crystal_grow_comp.name 
_exptl_crystal_grow_comp.volume 
_exptl_crystal_grow_comp.conc 
_exptl_crystal_grow_comp.details 
1 1 1 WATER           ? ? ? 
1 2 1 'NA CACODYLATE' ? ? ? 
1 3 1 SPERMINE        ? ? ? 
1 4 1 MGCL2           ? ? ? 
1 5 2 WATER           ? ? ? 
1 6 2 MPD             ? ? ? 
# 
_diffrn.id                     1 
_diffrn.ambient_temp           ? 
_diffrn.ambient_temp_details   'ROOM TEMPERATURE' 
_diffrn.crystal_id             1 
# 
_diffrn_detector.diffrn_id              1 
_diffrn_detector.detector               'IMAGE PLATE' 
_diffrn_detector.type                   'RIGAKU RAXIS II' 
_diffrn_detector.pdbx_collection_date   1995-11-09 
_diffrn_detector.details                ? 
# 
_diffrn_radiation.diffrn_id                        1 
_diffrn_radiation.wavelength_id                    1 
_diffrn_radiation.pdbx_monochromatic_or_laue_m_l   ? 
_diffrn_radiation.monochromator                    ? 
_diffrn_radiation.pdbx_diffrn_protocol             ? 
_diffrn_radiation.pdbx_scattering_type             x-ray 
# 
_diffrn_radiation_wavelength.id           1 
_diffrn_radiation_wavelength.wavelength   . 
_diffrn_radiation_wavelength.wt           1.0 
# 
_diffrn_source.diffrn_id                   1 
_diffrn_source.source                      ? 
_diffrn_source.type                        ? 
_diffrn_source.pdbx_synchrotron_site       ? 
_diffrn_source.pdbx_synchrotron_beamline   ? 
_diffrn_source.pdbx_wavelength             ? 
_diffrn_source.pdbx_wavelength_list        ? 
# 
_reflns.entry_id                     248D 
_reflns.observed_criterion_sigma_I   ? 
_reflns.observed_criterion_sigma_F   ? 
_reflns.d_resolution_low             28.780 
_reflns.d_resolution_high            1.800 
_reflns.number_obs                   2264 
_reflns.number_all                   9641 
_reflns.percent_possible_obs         94.000 
_reflns.pdbx_Rmerge_I_obs            0.0810000 
_reflns.pdbx_Rsym_value              ? 
_reflns.pdbx_netI_over_sigmaI        ? 
_reflns.B_iso_Wilson_estimate        ? 
_reflns.pdbx_redundancy              ? 
_reflns.pdbx_diffrn_id               1 
_reflns.pdbx_ordinal                 1 
# 
_refine.entry_id                                 248D 
_refine.ls_number_reflns_obs                     2170 
_refine.ls_number_reflns_all                     ? 
_refine.pdbx_ls_sigma_I                          ? 
_refine.pdbx_ls_sigma_F                          2.000 
_refine.pdbx_data_cutoff_high_absF               ? 
_refine.pdbx_data_cutoff_low_absF                ? 
_refine.pdbx_data_cutoff_high_rms_absF           ? 
_refine.ls_d_res_low                             10.000 
_refine.ls_d_res_high                            1.830 
_refine.ls_percent_reflns_obs                    ? 
_refine.ls_R_factor_obs                          0.1590000 
_refine.ls_R_factor_all                          ? 
_refine.ls_R_factor_R_work                       0.1590000 
_refine.ls_R_factor_R_free                       0.2360000 
_refine.ls_R_factor_R_free_error                 ? 
_refine.ls_R_factor_R_free_error_details         ? 
_refine.ls_percent_reflns_R_free                 ? 
_refine.ls_number_reflns_R_free                  ? 
_refine.ls_number_parameters                     ? 
_refine.ls_number_restraints                     ? 
_refine.occupancy_min                            ? 
_refine.occupancy_max                            ? 
_refine.B_iso_mean                               ? 
_refine.aniso_B[1][1]                            ? 
_refine.aniso_B[2][2]                            ? 
_refine.aniso_B[3][3]                            ? 
_refine.aniso_B[1][2]                            ? 
_refine.aniso_B[1][3]                            ? 
_refine.aniso_B[2][3]                            ? 
_refine.solvent_model_details                    ? 
_refine.solvent_model_param_ksol                 ? 
_refine.solvent_model_param_bsol                 ? 
_refine.pdbx_ls_cross_valid_method               ? 
_refine.details                                  ? 
_refine.pdbx_starting_model                      ? 
_refine.pdbx_method_to_determine_struct          ? 
_refine.pdbx_isotropic_thermal_model             ? 
_refine.pdbx_stereochemistry_target_values       ? 
_refine.pdbx_stereochem_target_val_spec_case     ? 
_refine.pdbx_R_Free_selection_details            ? 
_refine.pdbx_overall_ESU_R                       ? 
_refine.pdbx_overall_ESU_R_Free                  ? 
_refine.overall_SU_ML                            ? 
_refine.overall_SU_B                             ? 
_refine.pdbx_refine_id                           'X-RAY DIFFRACTION' 
_refine.pdbx_diffrn_id                           1 
_refine.pdbx_TLS_residual_ADP_flag               ? 
_refine.correlation_coeff_Fo_to_Fc               ? 
_refine.correlation_coeff_Fo_to_Fc_free          ? 
_refine.pdbx_solvent_vdw_probe_radii             ? 
_refine.pdbx_solvent_ion_probe_radii             ? 
_refine.pdbx_solvent_shrinkage_radii             ? 
_refine.pdbx_overall_phase_error                 ? 
_refine.overall_SU_R_Cruickshank_DPI             ? 
_refine.pdbx_overall_SU_R_free_Cruickshank_DPI   ? 
_refine.pdbx_overall_SU_R_Blow_DPI               ? 
_refine.pdbx_overall_SU_R_free_Blow_DPI          ? 
# 
_refine_hist.pdbx_refine_id                   'X-RAY DIFFRACTION' 
_refine_hist.cycle_id                         LAST 
_refine_hist.pdbx_number_atoms_protein        0 
_refine_hist.pdbx_number_atoms_nucleic_acid   229 
_refine_hist.pdbx_number_atoms_ligand         28 
_refine_hist.number_atoms_solvent             38 
_refine_hist.number_atoms_total               295 
_refine_hist.d_res_high                       1.830 
_refine_hist.d_res_low                        10.000 
# 
loop_
_refine_ls_restr.type 
_refine_ls_restr.dev_ideal 
_refine_ls_restr.dev_ideal_target 
_refine_ls_restr.weight 
_refine_ls_restr.number 
_refine_ls_restr.pdbx_refine_id 
_refine_ls_restr.pdbx_restraint_function 
x_bond_d                0.013 ? ? ? 'X-RAY DIFFRACTION' ? 
x_bond_d_na             ?     ? ? ? 'X-RAY DIFFRACTION' ? 
x_bond_d_prot           ?     ? ? ? 'X-RAY DIFFRACTION' ? 
x_angle_d               ?     ? ? ? 'X-RAY DIFFRACTION' ? 
x_angle_d_na            ?     ? ? ? 'X-RAY DIFFRACTION' ? 
x_angle_d_prot          ?     ? ? ? 'X-RAY DIFFRACTION' ? 
x_angle_deg             3.28  ? ? ? 'X-RAY DIFFRACTION' ? 
x_angle_deg_na          ?     ? ? ? 'X-RAY DIFFRACTION' ? 
x_angle_deg_prot        ?     ? ? ? 'X-RAY DIFFRACTION' ? 
x_dihedral_angle_d      ?     ? ? ? 'X-RAY DIFFRACTION' ? 
x_dihedral_angle_d_na   ?     ? ? ? 'X-RAY DIFFRACTION' ? 
x_dihedral_angle_d_prot ?     ? ? ? 'X-RAY DIFFRACTION' ? 
x_improper_angle_d      ?     ? ? ? 'X-RAY DIFFRACTION' ? 
x_improper_angle_d_na   ?     ? ? ? 'X-RAY DIFFRACTION' ? 
x_improper_angle_d_prot ?     ? ? ? 'X-RAY DIFFRACTION' ? 
x_mcbond_it             ?     ? ? ? 'X-RAY DIFFRACTION' ? 
x_mcangle_it            ?     ? ? ? 'X-RAY DIFFRACTION' ? 
x_scbond_it             ?     ? ? ? 'X-RAY DIFFRACTION' ? 
x_scangle_it            ?     ? ? ? 'X-RAY DIFFRACTION' ? 
# 
_struct.entry_id                  248D 
_struct.title                     
'CRYSTAL STRUCTURES OF AN A-FORM DUPLEX WITH SINGLE-ADENOSINE BULGES AND A CONFORMATIONAL BASIS FOR SITE SPECIFIC RNA SELF-CLEAVAGE' 
_struct.pdbx_model_details        ? 
_struct.pdbx_CASP_flag            ? 
_struct.pdbx_model_type_details   ? 
# 
_struct_keywords.entry_id        248D 
_struct_keywords.pdbx_keywords   DNA/RNA 
_struct_keywords.text            'A-DNA/RNA, DOUBLE HELIX, BULGES, DNA-RNA complex' 
# 
loop_
_struct_asym.id 
_struct_asym.pdbx_blank_PDB_chainid_flag 
_struct_asym.pdbx_modified 
_struct_asym.entity_id 
_struct_asym.details 
A N N 1 ? 
B N N 2 ? 
C N N 2 ? 
D N N 3 ? 
# 
_struct_ref.id                         1 
_struct_ref.entity_id                  1 
_struct_ref.db_name                    PDB 
_struct_ref.db_code                    248D 
_struct_ref.pdbx_db_accession          248D 
_struct_ref.pdbx_db_isoform            ? 
_struct_ref.pdbx_seq_one_letter_code   ? 
_struct_ref.pdbx_align_begin           ? 
# 
_struct_ref_seq.align_id                      1 
_struct_ref_seq.ref_id                        1 
_struct_ref_seq.pdbx_PDB_id_code              248D 
_struct_ref_seq.pdbx_strand_id                A 
_struct_ref_seq.seq_align_beg                 1 
_struct_ref_seq.pdbx_seq_align_beg_ins_code   ? 
_struct_ref_seq.seq_align_end                 11 
_struct_ref_seq.pdbx_seq_align_end_ins_code   ? 
_struct_ref_seq.pdbx_db_accession             248D 
_struct_ref_seq.db_align_beg                  1 
_struct_ref_seq.pdbx_db_align_beg_ins_code    ? 
_struct_ref_seq.db_align_end                  11 
_struct_ref_seq.pdbx_db_align_end_ins_code    ? 
_struct_ref_seq.pdbx_auth_seq_align_beg       1 
_struct_ref_seq.pdbx_auth_seq_align_end       11 
# 
_pdbx_struct_assembly.id                   1 
_pdbx_struct_assembly.details              author_defined_assembly 
_pdbx_struct_assembly.method_details       ? 
_pdbx_struct_assembly.oligomeric_details   dimeric 
_pdbx_struct_assembly.oligomeric_count     2 
# 
_pdbx_struct_assembly_gen.assembly_id       1 
_pdbx_struct_assembly_gen.oper_expression   1,2 
_pdbx_struct_assembly_gen.asym_id_list      A,B,C,D 
# 
loop_
_pdbx_struct_oper_list.id 
_pdbx_struct_oper_list.type 
_pdbx_struct_oper_list.name 
_pdbx_struct_oper_list.symmetry_operation 
_pdbx_struct_oper_list.matrix[1][1] 
_pdbx_struct_oper_list.matrix[1][2] 
_pdbx_struct_oper_list.matrix[1][3] 
_pdbx_struct_oper_list.vector[1] 
_pdbx_struct_oper_list.matrix[2][1] 
_pdbx_struct_oper_list.matrix[2][2] 
_pdbx_struct_oper_list.matrix[2][3] 
_pdbx_struct_oper_list.vector[2] 
_pdbx_struct_oper_list.matrix[3][1] 
_pdbx_struct_oper_list.matrix[3][2] 
_pdbx_struct_oper_list.matrix[3][3] 
_pdbx_struct_oper_list.vector[3] 
1 'identity operation'         1_555 x,y,z   1.0000000000  0.0000000000  0.0000000000  0.0000000000  0.0000000000  1.0000000000 0.0000000000 0.0000000000  0.0000000000  0.0000000000 1.0000000000  0.0000000000  
2 'crystal symmetry operation' 4_555 x,-y,-z -0.4760549853 -0.8206313725 -0.3161262430 -6.2604316739 -0.8206313725 0.2853177921 0.4951342324 -3.1495111629 -0.3161262430 0.4951342324 -0.8092628068 -2.2001789241 
# 
_struct_biol.id   1 
# 
loop_
_struct_conn.id 
_struct_conn.conn_type_id 
_struct_conn.pdbx_leaving_atom_flag 
_struct_conn.pdbx_PDB_id 
_struct_conn.ptnr1_label_asym_id 
_struct_conn.ptnr1_label_comp_id 
_struct_conn.ptnr1_label_seq_id 
_struct_conn.ptnr1_label_atom_id 
_struct_conn.pdbx_ptnr1_label_alt_id 
_struct_conn.pdbx_ptnr1_PDB_ins_code 
_struct_conn.pdbx_ptnr1_standard_comp_id 
_struct_conn.ptnr1_symmetry 
_struct_conn.ptnr2_label_asym_id 
_struct_conn.ptnr2_label_comp_id 
_struct_conn.ptnr2_label_seq_id 
_struct_conn.ptnr2_label_atom_id 
_struct_conn.pdbx_ptnr2_label_alt_id 
_struct_conn.pdbx_ptnr2_PDB_ins_code 
_struct_conn.ptnr1_auth_asym_id 
_struct_conn.ptnr1_auth_comp_id 
_struct_conn.ptnr1_auth_seq_id 
_struct_conn.ptnr2_auth_asym_id 
_struct_conn.ptnr2_auth_comp_id 
_struct_conn.ptnr2_auth_seq_id 
_struct_conn.ptnr2_symmetry 
_struct_conn.pdbx_ptnr3_label_atom_id 
_struct_conn.pdbx_ptnr3_label_seq_id 
_struct_conn.pdbx_ptnr3_label_comp_id 
_struct_conn.pdbx_ptnr3_label_asym_id 
_struct_conn.pdbx_ptnr3_label_alt_id 
_struct_conn.pdbx_ptnr3_PDB_ins_code 
_struct_conn.details 
_struct_conn.pdbx_dist_value 
_struct_conn.pdbx_value_order 
_struct_conn.pdbx_role 
hydrog1  hydrog ? ? A G  1  N1 ? ? ? 1_555 A C  11 N3 ? ? A G  1  A C  11 4_555 ? ? ? ? ? ? WATSON-CRICK ? ? ? 
hydrog2  hydrog ? ? A G  1  N2 ? ? ? 1_555 A C  11 O2 ? ? A G  1  A C  11 4_555 ? ? ? ? ? ? WATSON-CRICK ? ? ? 
hydrog3  hydrog ? ? A G  1  O6 ? ? ? 1_555 A C  11 N4 ? ? A G  1  A C  11 4_555 ? ? ? ? ? ? WATSON-CRICK ? ? ? 
hydrog4  hydrog ? ? A C  2  N3 ? ? ? 1_555 A G  10 N1 ? ? A C  2  A G  10 4_555 ? ? ? ? ? ? WATSON-CRICK ? ? ? 
hydrog5  hydrog ? ? A C  2  N4 ? ? ? 1_555 A G  10 O6 ? ? A C  2  A G  10 4_555 ? ? ? ? ? ? WATSON-CRICK ? ? ? 
hydrog6  hydrog ? ? A C  2  O2 ? ? ? 1_555 A G  10 N2 ? ? A C  2  A G  10 4_555 ? ? ? ? ? ? WATSON-CRICK ? ? ? 
hydrog7  hydrog ? ? A G  3  N1 ? ? ? 1_555 A C  9  N3 ? ? A G  3  A C  9  4_555 ? ? ? ? ? ? WATSON-CRICK ? ? ? 
hydrog8  hydrog ? ? A G  3  N2 ? ? ? 1_555 A C  9  O2 ? ? A G  3  A C  9  4_555 ? ? ? ? ? ? WATSON-CRICK ? ? ? 
hydrog9  hydrog ? ? A G  3  O6 ? ? ? 1_555 A C  9  N4 ? ? A G  3  A C  9  4_555 ? ? ? ? ? ? WATSON-CRICK ? ? ? 
hydrog10 hydrog ? ? A DA 4  N1 ? ? ? 1_555 A DT 7  N3 ? ? A DA 4  A DT 7  4_555 ? ? ? ? ? ? WATSON-CRICK ? ? ? 
hydrog11 hydrog ? ? A DA 4  N6 ? ? ? 1_555 A DT 7  O4 ? ? A DA 4  A DT 7  4_555 ? ? ? ? ? ? WATSON-CRICK ? ? ? 
hydrog12 hydrog ? ? A DT 5  N3 ? ? ? 1_555 A DA 6  N1 ? ? A DT 5  A DA 6  4_555 ? ? ? ? ? ? WATSON-CRICK ? ? ? 
hydrog13 hydrog ? ? A DT 5  O4 ? ? ? 1_555 A DA 6  N6 ? ? A DT 5  A DA 6  4_555 ? ? ? ? ? ? WATSON-CRICK ? ? ? 
hydrog14 hydrog ? ? A DA 6  N1 ? ? ? 1_555 A DT 5  N3 ? ? A DA 6  A DT 5  4_555 ? ? ? ? ? ? WATSON-CRICK ? ? ? 
hydrog15 hydrog ? ? A DA 6  N6 ? ? ? 1_555 A DT 5  O4 ? ? A DA 6  A DT 5  4_555 ? ? ? ? ? ? WATSON-CRICK ? ? ? 
hydrog16 hydrog ? ? A DT 7  N3 ? ? ? 1_555 A DA 4  N1 ? ? A DT 7  A DA 4  4_555 ? ? ? ? ? ? WATSON-CRICK ? ? ? 
hydrog17 hydrog ? ? A DT 7  O4 ? ? ? 1_555 A DA 4  N6 ? ? A DT 7  A DA 4  4_555 ? ? ? ? ? ? WATSON-CRICK ? ? ? 
hydrog18 hydrog ? ? A C  9  N3 ? ? ? 1_555 A G  3  N1 ? ? A C  9  A G  3  4_555 ? ? ? ? ? ? WATSON-CRICK ? ? ? 
hydrog19 hydrog ? ? A C  9  N4 ? ? ? 1_555 A G  3  O6 ? ? A C  9  A G  3  4_555 ? ? ? ? ? ? WATSON-CRICK ? ? ? 
hydrog20 hydrog ? ? A C  9  O2 ? ? ? 1_555 A G  3  N2 ? ? A C  9  A G  3  4_555 ? ? ? ? ? ? WATSON-CRICK ? ? ? 
hydrog21 hydrog ? ? A G  10 N1 ? ? ? 1_555 A C  2  N3 ? ? A G  10 A C  2  4_555 ? ? ? ? ? ? WATSON-CRICK ? ? ? 
hydrog22 hydrog ? ? A G  10 N2 ? ? ? 1_555 A C  2  O2 ? ? A G  10 A C  2  4_555 ? ? ? ? ? ? WATSON-CRICK ? ? ? 
hydrog23 hydrog ? ? A G  10 O6 ? ? ? 1_555 A C  2  N4 ? ? A G  10 A C  2  4_555 ? ? ? ? ? ? WATSON-CRICK ? ? ? 
hydrog24 hydrog ? ? A C  11 N3 ? ? ? 1_555 A G  1  N1 ? ? A C  11 A G  1  4_555 ? ? ? ? ? ? WATSON-CRICK ? ? ? 
hydrog25 hydrog ? ? A C  11 N4 ? ? ? 1_555 A G  1  O6 ? ? A C  11 A G  1  4_555 ? ? ? ? ? ? WATSON-CRICK ? ? ? 
hydrog26 hydrog ? ? A C  11 O2 ? ? ? 1_555 A G  1  N2 ? ? A C  11 A G  1  4_555 ? ? ? ? ? ? WATSON-CRICK ? ? ? 
# 
_struct_conn_type.id          hydrog 
_struct_conn_type.criteria    ? 
_struct_conn_type.reference   ? 
# 
loop_
_struct_site.id 
_struct_site.pdbx_evidence_code 
_struct_site.pdbx_auth_asym_id 
_struct_site.pdbx_auth_comp_id 
_struct_site.pdbx_auth_seq_id 
_struct_site.pdbx_auth_ins_code 
_struct_site.pdbx_num_residues 
_struct_site.details 
AC1 Software A SPM 12 ? 9  'BINDING SITE FOR RESIDUE SPM A 12' 
AC2 Software A SPM 13 ? 10 'BINDING SITE FOR RESIDUE SPM A 13' 
# 
loop_
_struct_site_gen.id 
_struct_site_gen.site_id 
_struct_site_gen.pdbx_num_res 
_struct_site_gen.label_comp_id 
_struct_site_gen.label_asym_id 
_struct_site_gen.label_seq_id 
_struct_site_gen.pdbx_auth_ins_code 
_struct_site_gen.auth_comp_id 
_struct_site_gen.auth_asym_id 
_struct_site_gen.auth_seq_id 
_struct_site_gen.label_atom_id 
_struct_site_gen.label_alt_id 
_struct_site_gen.symmetry 
_struct_site_gen.details 
1  AC1 9  G   A 1  ? G   A 1  . ? 8_455 ? 
2  AC1 9  G   A 1  ? G   A 1  . ? 6_554 ? 
3  AC1 9  DA  A 8  ? DA  A 8  . ? 1_555 ? 
4  AC1 9  C   A 9  ? C   A 9  . ? 5_455 ? 
5  AC1 9  C   A 9  ? C   A 9  . ? 1_555 ? 
6  AC1 9  G   A 10 ? G   A 10 . ? 5_455 ? 
7  AC1 9  G   A 10 ? G   A 10 . ? 1_555 ? 
8  AC1 9  G   A 10 ? G   A 10 . ? 3_554 ? 
9  AC1 9  C   A 11 ? C   A 11 . ? 3_554 ? 
10 AC2 10 C   A 2  ? C   A 2  . ? 4_455 ? 
11 AC2 10 G   A 3  ? G   A 3  . ? 4_455 ? 
12 AC2 10 G   A 3  ? G   A 3  . ? 8_455 ? 
13 AC2 10 DT  A 5  ? DT  A 5  . ? 5_455 ? 
14 AC2 10 DA  A 6  ? DA  A 6  . ? 5_455 ? 
15 AC2 10 DT  A 7  ? DT  A 7  . ? 5_455 ? 
16 AC2 10 DA  A 8  ? DA  A 8  . ? 1_555 ? 
17 AC2 10 HOH D .  ? HOH A 18 . ? 1_555 ? 
18 AC2 10 HOH D .  ? HOH A 28 . ? 1_555 ? 
19 AC2 10 HOH D .  ? HOH A 31 . ? 5_455 ? 
# 
loop_
_pdbx_validate_rmsd_angle.id 
_pdbx_validate_rmsd_angle.PDB_model_num 
_pdbx_validate_rmsd_angle.auth_atom_id_1 
_pdbx_validate_rmsd_angle.auth_asym_id_1 
_pdbx_validate_rmsd_angle.auth_comp_id_1 
_pdbx_validate_rmsd_angle.auth_seq_id_1 
_pdbx_validate_rmsd_angle.PDB_ins_code_1 
_pdbx_validate_rmsd_angle.label_alt_id_1 
_pdbx_validate_rmsd_angle.auth_atom_id_2 
_pdbx_validate_rmsd_angle.auth_asym_id_2 
_pdbx_validate_rmsd_angle.auth_comp_id_2 
_pdbx_validate_rmsd_angle.auth_seq_id_2 
_pdbx_validate_rmsd_angle.PDB_ins_code_2 
_pdbx_validate_rmsd_angle.label_alt_id_2 
_pdbx_validate_rmsd_angle.auth_atom_id_3 
_pdbx_validate_rmsd_angle.auth_asym_id_3 
_pdbx_validate_rmsd_angle.auth_comp_id_3 
_pdbx_validate_rmsd_angle.auth_seq_id_3 
_pdbx_validate_rmsd_angle.PDB_ins_code_3 
_pdbx_validate_rmsd_angle.label_alt_id_3 
_pdbx_validate_rmsd_angle.angle_value 
_pdbx_validate_rmsd_angle.angle_target_value 
_pdbx_validate_rmsd_angle.angle_deviation 
_pdbx_validate_rmsd_angle.angle_standard_deviation 
_pdbx_validate_rmsd_angle.linker_flag 
1  1 "O4'" A DA 4 ? ? "C1'" A DA 4 ? ? N9    A DA 4 ? ? 111.75 108.30 3.45  0.30 N 
2  1 "C4'" A DT 5 ? ? "C3'" A DT 5 ? ? "C2'" A DT 5 ? ? 96.41  102.20 -5.79 0.70 N 
3  1 "O4'" A DT 5 ? ? "C1'" A DT 5 ? ? N1    A DT 5 ? ? 114.00 108.30 5.70  0.30 N 
4  1 N3    A DT 5 ? ? C2    A DT 5 ? ? O2    A DT 5 ? ? 118.60 122.30 -3.70 0.60 N 
5  1 "O4'" A DA 6 ? ? "C1'" A DA 6 ? ? N9    A DA 6 ? ? 112.52 108.30 4.22  0.30 N 
6  1 "C5'" A DT 7 ? ? "C4'" A DT 7 ? ? "O4'" A DT 7 ? ? 117.94 109.80 8.14  1.10 N 
7  1 N3    A DT 7 ? ? C2    A DT 7 ? ? O2    A DT 7 ? ? 118.53 122.30 -3.77 0.60 N 
8  1 "O5'" A DA 8 ? ? "C5'" A DA 8 ? ? "C4'" A DA 8 ? ? 104.47 109.40 -4.93 0.80 N 
9  1 "O4'" A DA 8 ? ? "C1'" A DA 8 ? ? N9    A DA 8 ? ? 112.75 108.30 4.45  0.30 N 
10 1 N1    A C  9 ? ? C2    A C  9 ? ? O2    A C  9 ? ? 123.28 118.90 4.38  0.60 N 
# 
_pdbx_struct_special_symmetry.id              1 
_pdbx_struct_special_symmetry.PDB_model_num   1 
_pdbx_struct_special_symmetry.auth_asym_id    A 
_pdbx_struct_special_symmetry.auth_comp_id    HOH 
_pdbx_struct_special_symmetry.auth_seq_id     14 
_pdbx_struct_special_symmetry.PDB_ins_code    ? 
_pdbx_struct_special_symmetry.label_asym_id   D 
_pdbx_struct_special_symmetry.label_comp_id   HOH 
_pdbx_struct_special_symmetry.label_seq_id    . 
# 
loop_
_refine_B_iso.class 
_refine_B_iso.details 
_refine_B_iso.treatment 
_refine_B_iso.pdbx_refine_id 
'ALL ATOMS'  TR isotropic 'X-RAY DIFFRACTION' 
'ALL WATERS' TR isotropic 'X-RAY DIFFRACTION' 
# 
loop_
_refine_occupancy.class 
_refine_occupancy.treatment 
_refine_occupancy.pdbx_refine_id 
'ALL ATOMS'  fix 'X-RAY DIFFRACTION' 
'ALL WATERS' fix 'X-RAY DIFFRACTION' 
# 
loop_
_chem_comp_atom.comp_id 
_chem_comp_atom.atom_id 
_chem_comp_atom.type_symbol 
_chem_comp_atom.pdbx_aromatic_flag 
_chem_comp_atom.pdbx_stereo_config 
_chem_comp_atom.pdbx_ordinal 
C   OP3    O N N 1   
C   P      P N N 2   
C   OP1    O N N 3   
C   OP2    O N N 4   
C   "O5'"  O N N 5   
C   "C5'"  C N N 6   
C   "C4'"  C N R 7   
C   "O4'"  O N N 8   
C   "C3'"  C N S 9   
C   "O3'"  O N N 10  
C   "C2'"  C N R 11  
C   "O2'"  O N N 12  
C   "C1'"  C N R 13  
C   N1     N N N 14  
C   C2     C N N 15  
C   O2     O N N 16  
C   N3     N N N 17  
C   C4     C N N 18  
C   N4     N N N 19  
C   C5     C N N 20  
C   C6     C N N 21  
C   HOP3   H N N 22  
C   HOP2   H N N 23  
C   "H5'"  H N N 24  
C   "H5''" H N N 25  
C   "H4'"  H N N 26  
C   "H3'"  H N N 27  
C   "HO3'" H N N 28  
C   "H2'"  H N N 29  
C   "HO2'" H N N 30  
C   "H1'"  H N N 31  
C   H41    H N N 32  
C   H42    H N N 33  
C   H5     H N N 34  
C   H6     H N N 35  
DA  OP3    O N N 36  
DA  P      P N N 37  
DA  OP1    O N N 38  
DA  OP2    O N N 39  
DA  "O5'"  O N N 40  
DA  "C5'"  C N N 41  
DA  "C4'"  C N R 42  
DA  "O4'"  O N N 43  
DA  "C3'"  C N S 44  
DA  "O3'"  O N N 45  
DA  "C2'"  C N N 46  
DA  "C1'"  C N R 47  
DA  N9     N Y N 48  
DA  C8     C Y N 49  
DA  N7     N Y N 50  
DA  C5     C Y N 51  
DA  C6     C Y N 52  
DA  N6     N N N 53  
DA  N1     N Y N 54  
DA  C2     C Y N 55  
DA  N3     N Y N 56  
DA  C4     C Y N 57  
DA  HOP3   H N N 58  
DA  HOP2   H N N 59  
DA  "H5'"  H N N 60  
DA  "H5''" H N N 61  
DA  "H4'"  H N N 62  
DA  "H3'"  H N N 63  
DA  "HO3'" H N N 64  
DA  "H2'"  H N N 65  
DA  "H2''" H N N 66  
DA  "H1'"  H N N 67  
DA  H8     H N N 68  
DA  H61    H N N 69  
DA  H62    H N N 70  
DA  H2     H N N 71  
DT  OP3    O N N 72  
DT  P      P N N 73  
DT  OP1    O N N 74  
DT  OP2    O N N 75  
DT  "O5'"  O N N 76  
DT  "C5'"  C N N 77  
DT  "C4'"  C N R 78  
DT  "O4'"  O N N 79  
DT  "C3'"  C N S 80  
DT  "O3'"  O N N 81  
DT  "C2'"  C N N 82  
DT  "C1'"  C N R 83  
DT  N1     N N N 84  
DT  C2     C N N 85  
DT  O2     O N N 86  
DT  N3     N N N 87  
DT  C4     C N N 88  
DT  O4     O N N 89  
DT  C5     C N N 90  
DT  C7     C N N 91  
DT  C6     C N N 92  
DT  HOP3   H N N 93  
DT  HOP2   H N N 94  
DT  "H5'"  H N N 95  
DT  "H5''" H N N 96  
DT  "H4'"  H N N 97  
DT  "H3'"  H N N 98  
DT  "HO3'" H N N 99  
DT  "H2'"  H N N 100 
DT  "H2''" H N N 101 
DT  "H1'"  H N N 102 
DT  H3     H N N 103 
DT  H71    H N N 104 
DT  H72    H N N 105 
DT  H73    H N N 106 
DT  H6     H N N 107 
G   OP3    O N N 108 
G   P      P N N 109 
G   OP1    O N N 110 
G   OP2    O N N 111 
G   "O5'"  O N N 112 
G   "C5'"  C N N 113 
G   "C4'"  C N R 114 
G   "O4'"  O N N 115 
G   "C3'"  C N S 116 
G   "O3'"  O N N 117 
G   "C2'"  C N R 118 
G   "O2'"  O N N 119 
G   "C1'"  C N R 120 
G   N9     N Y N 121 
G   C8     C Y N 122 
G   N7     N Y N 123 
G   C5     C Y N 124 
G   C6     C N N 125 
G   O6     O N N 126 
G   N1     N N N 127 
G   C2     C N N 128 
G   N2     N N N 129 
G   N3     N N N 130 
G   C4     C Y N 131 
G   HOP3   H N N 132 
G   HOP2   H N N 133 
G   "H5'"  H N N 134 
G   "H5''" H N N 135 
G   "H4'"  H N N 136 
G   "H3'"  H N N 137 
G   "HO3'" H N N 138 
G   "H2'"  H N N 139 
G   "HO2'" H N N 140 
G   "H1'"  H N N 141 
G   H8     H N N 142 
G   H1     H N N 143 
G   H21    H N N 144 
G   H22    H N N 145 
HOH O      O N N 146 
HOH H1     H N N 147 
HOH H2     H N N 148 
SPM N1     N N N 149 
SPM C2     C N N 150 
SPM C3     C N N 151 
SPM C4     C N N 152 
SPM N5     N N N 153 
SPM C6     C N N 154 
SPM C7     C N N 155 
SPM C8     C N N 156 
SPM C9     C N N 157 
SPM N10    N N N 158 
SPM C11    C N N 159 
SPM C12    C N N 160 
SPM C13    C N N 161 
SPM N14    N N N 162 
SPM HN11   H N N 163 
SPM HN12   H N N 164 
SPM H21    H N N 165 
SPM H22    H N N 166 
SPM H31    H N N 167 
SPM H32    H N N 168 
SPM H41    H N N 169 
SPM H42    H N N 170 
SPM HN5    H N N 171 
SPM H61    H N N 172 
SPM H62    H N N 173 
SPM H71    H N N 174 
SPM H72    H N N 175 
SPM H81    H N N 176 
SPM H82    H N N 177 
SPM H91    H N N 178 
SPM H92    H N N 179 
SPM HN0    H N N 180 
SPM H111   H N N 181 
SPM H112   H N N 182 
SPM H121   H N N 183 
SPM H122   H N N 184 
SPM H131   H N N 185 
SPM H132   H N N 186 
SPM HN41   H N N 187 
SPM HN42   H N N 188 
# 
loop_
_chem_comp_bond.comp_id 
_chem_comp_bond.atom_id_1 
_chem_comp_bond.atom_id_2 
_chem_comp_bond.value_order 
_chem_comp_bond.pdbx_aromatic_flag 
_chem_comp_bond.pdbx_stereo_config 
_chem_comp_bond.pdbx_ordinal 
C   OP3   P      sing N N 1   
C   OP3   HOP3   sing N N 2   
C   P     OP1    doub N N 3   
C   P     OP2    sing N N 4   
C   P     "O5'"  sing N N 5   
C   OP2   HOP2   sing N N 6   
C   "O5'" "C5'"  sing N N 7   
C   "C5'" "C4'"  sing N N 8   
C   "C5'" "H5'"  sing N N 9   
C   "C5'" "H5''" sing N N 10  
C   "C4'" "O4'"  sing N N 11  
C   "C4'" "C3'"  sing N N 12  
C   "C4'" "H4'"  sing N N 13  
C   "O4'" "C1'"  sing N N 14  
C   "C3'" "O3'"  sing N N 15  
C   "C3'" "C2'"  sing N N 16  
C   "C3'" "H3'"  sing N N 17  
C   "O3'" "HO3'" sing N N 18  
C   "C2'" "O2'"  sing N N 19  
C   "C2'" "C1'"  sing N N 20  
C   "C2'" "H2'"  sing N N 21  
C   "O2'" "HO2'" sing N N 22  
C   "C1'" N1     sing N N 23  
C   "C1'" "H1'"  sing N N 24  
C   N1    C2     sing N N 25  
C   N1    C6     sing N N 26  
C   C2    O2     doub N N 27  
C   C2    N3     sing N N 28  
C   N3    C4     doub N N 29  
C   C4    N4     sing N N 30  
C   C4    C5     sing N N 31  
C   N4    H41    sing N N 32  
C   N4    H42    sing N N 33  
C   C5    C6     doub N N 34  
C   C5    H5     sing N N 35  
C   C6    H6     sing N N 36  
DA  OP3   P      sing N N 37  
DA  OP3   HOP3   sing N N 38  
DA  P     OP1    doub N N 39  
DA  P     OP2    sing N N 40  
DA  P     "O5'"  sing N N 41  
DA  OP2   HOP2   sing N N 42  
DA  "O5'" "C5'"  sing N N 43  
DA  "C5'" "C4'"  sing N N 44  
DA  "C5'" "H5'"  sing N N 45  
DA  "C5'" "H5''" sing N N 46  
DA  "C4'" "O4'"  sing N N 47  
DA  "C4'" "C3'"  sing N N 48  
DA  "C4'" "H4'"  sing N N 49  
DA  "O4'" "C1'"  sing N N 50  
DA  "C3'" "O3'"  sing N N 51  
DA  "C3'" "C2'"  sing N N 52  
DA  "C3'" "H3'"  sing N N 53  
DA  "O3'" "HO3'" sing N N 54  
DA  "C2'" "C1'"  sing N N 55  
DA  "C2'" "H2'"  sing N N 56  
DA  "C2'" "H2''" sing N N 57  
DA  "C1'" N9     sing N N 58  
DA  "C1'" "H1'"  sing N N 59  
DA  N9    C8     sing Y N 60  
DA  N9    C4     sing Y N 61  
DA  C8    N7     doub Y N 62  
DA  C8    H8     sing N N 63  
DA  N7    C5     sing Y N 64  
DA  C5    C6     sing Y N 65  
DA  C5    C4     doub Y N 66  
DA  C6    N6     sing N N 67  
DA  C6    N1     doub Y N 68  
DA  N6    H61    sing N N 69  
DA  N6    H62    sing N N 70  
DA  N1    C2     sing Y N 71  
DA  C2    N3     doub Y N 72  
DA  C2    H2     sing N N 73  
DA  N3    C4     sing Y N 74  
DT  OP3   P      sing N N 75  
DT  OP3   HOP3   sing N N 76  
DT  P     OP1    doub N N 77  
DT  P     OP2    sing N N 78  
DT  P     "O5'"  sing N N 79  
DT  OP2   HOP2   sing N N 80  
DT  "O5'" "C5'"  sing N N 81  
DT  "C5'" "C4'"  sing N N 82  
DT  "C5'" "H5'"  sing N N 83  
DT  "C5'" "H5''" sing N N 84  
DT  "C4'" "O4'"  sing N N 85  
DT  "C4'" "C3'"  sing N N 86  
DT  "C4'" "H4'"  sing N N 87  
DT  "O4'" "C1'"  sing N N 88  
DT  "C3'" "O3'"  sing N N 89  
DT  "C3'" "C2'"  sing N N 90  
DT  "C3'" "H3'"  sing N N 91  
DT  "O3'" "HO3'" sing N N 92  
DT  "C2'" "C1'"  sing N N 93  
DT  "C2'" "H2'"  sing N N 94  
DT  "C2'" "H2''" sing N N 95  
DT  "C1'" N1     sing N N 96  
DT  "C1'" "H1'"  sing N N 97  
DT  N1    C2     sing N N 98  
DT  N1    C6     sing N N 99  
DT  C2    O2     doub N N 100 
DT  C2    N3     sing N N 101 
DT  N3    C4     sing N N 102 
DT  N3    H3     sing N N 103 
DT  C4    O4     doub N N 104 
DT  C4    C5     sing N N 105 
DT  C5    C7     sing N N 106 
DT  C5    C6     doub N N 107 
DT  C7    H71    sing N N 108 
DT  C7    H72    sing N N 109 
DT  C7    H73    sing N N 110 
DT  C6    H6     sing N N 111 
G   OP3   P      sing N N 112 
G   OP3   HOP3   sing N N 113 
G   P     OP1    doub N N 114 
G   P     OP2    sing N N 115 
G   P     "O5'"  sing N N 116 
G   OP2   HOP2   sing N N 117 
G   "O5'" "C5'"  sing N N 118 
G   "C5'" "C4'"  sing N N 119 
G   "C5'" "H5'"  sing N N 120 
G   "C5'" "H5''" sing N N 121 
G   "C4'" "O4'"  sing N N 122 
G   "C4'" "C3'"  sing N N 123 
G   "C4'" "H4'"  sing N N 124 
G   "O4'" "C1'"  sing N N 125 
G   "C3'" "O3'"  sing N N 126 
G   "C3'" "C2'"  sing N N 127 
G   "C3'" "H3'"  sing N N 128 
G   "O3'" "HO3'" sing N N 129 
G   "C2'" "O2'"  sing N N 130 
G   "C2'" "C1'"  sing N N 131 
G   "C2'" "H2'"  sing N N 132 
G   "O2'" "HO2'" sing N N 133 
G   "C1'" N9     sing N N 134 
G   "C1'" "H1'"  sing N N 135 
G   N9    C8     sing Y N 136 
G   N9    C4     sing Y N 137 
G   C8    N7     doub Y N 138 
G   C8    H8     sing N N 139 
G   N7    C5     sing Y N 140 
G   C5    C6     sing N N 141 
G   C5    C4     doub Y N 142 
G   C6    O6     doub N N 143 
G   C6    N1     sing N N 144 
G   N1    C2     sing N N 145 
G   N1    H1     sing N N 146 
G   C2    N2     sing N N 147 
G   C2    N3     doub N N 148 
G   N2    H21    sing N N 149 
G   N2    H22    sing N N 150 
G   N3    C4     sing N N 151 
HOH O     H1     sing N N 152 
HOH O     H2     sing N N 153 
SPM N1    C2     sing N N 154 
SPM N1    HN11   sing N N 155 
SPM N1    HN12   sing N N 156 
SPM C2    C3     sing N N 157 
SPM C2    H21    sing N N 158 
SPM C2    H22    sing N N 159 
SPM C3    C4     sing N N 160 
SPM C3    H31    sing N N 161 
SPM C3    H32    sing N N 162 
SPM C4    N5     sing N N 163 
SPM C4    H41    sing N N 164 
SPM C4    H42    sing N N 165 
SPM N5    C6     sing N N 166 
SPM N5    HN5    sing N N 167 
SPM C6    C7     sing N N 168 
SPM C6    H61    sing N N 169 
SPM C6    H62    sing N N 170 
SPM C7    C8     sing N N 171 
SPM C7    H71    sing N N 172 
SPM C7    H72    sing N N 173 
SPM C8    C9     sing N N 174 
SPM C8    H81    sing N N 175 
SPM C8    H82    sing N N 176 
SPM C9    N10    sing N N 177 
SPM C9    H91    sing N N 178 
SPM C9    H92    sing N N 179 
SPM N10   C11    sing N N 180 
SPM N10   HN0    sing N N 181 
SPM C11   C12    sing N N 182 
SPM C11   H111   sing N N 183 
SPM C11   H112   sing N N 184 
SPM C12   C13    sing N N 185 
SPM C12   H121   sing N N 186 
SPM C12   H122   sing N N 187 
SPM C13   N14    sing N N 188 
SPM C13   H131   sing N N 189 
SPM C13   H132   sing N N 190 
SPM N14   HN41   sing N N 191 
SPM N14   HN42   sing N N 192 
# 
loop_
_ndb_struct_conf_na.entry_id 
_ndb_struct_conf_na.feature 
248D 'a-form double helix' 
248D 'bulge loop'          
# 
loop_
_ndb_struct_na_base_pair.model_number 
_ndb_struct_na_base_pair.i_label_asym_id 
_ndb_struct_na_base_pair.i_label_comp_id 
_ndb_struct_na_base_pair.i_label_seq_id 
_ndb_struct_na_base_pair.i_symmetry 
_ndb_struct_na_base_pair.j_label_asym_id 
_ndb_struct_na_base_pair.j_label_comp_id 
_ndb_struct_na_base_pair.j_label_seq_id 
_ndb_struct_na_base_pair.j_symmetry 
_ndb_struct_na_base_pair.shear 
_ndb_struct_na_base_pair.stretch 
_ndb_struct_na_base_pair.stagger 
_ndb_struct_na_base_pair.buckle 
_ndb_struct_na_base_pair.propeller 
_ndb_struct_na_base_pair.opening 
_ndb_struct_na_base_pair.pair_number 
_ndb_struct_na_base_pair.pair_name 
_ndb_struct_na_base_pair.i_auth_asym_id 
_ndb_struct_na_base_pair.i_auth_seq_id 
_ndb_struct_na_base_pair.i_PDB_ins_code 
_ndb_struct_na_base_pair.j_auth_asym_id 
_ndb_struct_na_base_pair.j_auth_seq_id 
_ndb_struct_na_base_pair.j_PDB_ins_code 
_ndb_struct_na_base_pair.hbond_type_28 
_ndb_struct_na_base_pair.hbond_type_12 
1 A G  1  1_555 A C  11 4_555 -0.392 -0.215 0.152  3.844  -7.092  -2.742 1  A_G1:C11_A  A 1  ? A 11 ? 19 1 
1 A C  2  1_555 A G  10 4_555 0.300  -0.175 0.132  7.888  -14.138 0.424  2  A_C2:G10_A  A 2  ? A 10 ? 19 1 
1 A G  3  1_555 A C  9  4_555 -0.392 -0.203 -0.001 -5.512 -18.339 1.986  3  A_G3:C9_A   A 3  ? A 9  ? 19 1 
1 A DA 4  1_555 A DT 7  4_555 0.042  -0.179 -0.059 -7.576 -15.830 -5.096 4  A_DA4:DT7_A A 4  ? A 7  ? 20 1 
1 A DT 5  1_555 A DA 6  4_555 0.002  -0.228 0.217  -0.661 -16.553 4.392  5  A_DT5:DA6_A A 5  ? A 6  ? 20 1 
1 A DA 6  1_555 A DT 5  4_555 -0.002 -0.228 0.217  0.661  -16.553 4.392  6  A_DA6:DT5_A A 6  ? A 5  ? 20 1 
1 A DT 7  1_555 A DA 4  4_555 -0.042 -0.179 -0.059 7.576  -15.830 -5.096 7  A_DT7:DA4_A A 7  ? A 4  ? 20 1 
1 A C  9  1_555 A G  3  4_555 0.392  -0.203 -0.001 5.512  -18.339 1.986  8  A_C9:G3_A   A 9  ? A 3  ? 19 1 
1 A G  10 1_555 A C  2  4_555 -0.300 -0.175 0.132  -7.888 -14.138 0.424  9  A_G10:C2_A  A 10 ? A 2  ? 19 1 
1 A C  11 1_555 A G  1  4_555 0.392  -0.215 0.152  -3.844 -7.092  -2.742 10 A_C11:G1_A  A 11 ? A 1  ? 19 1 
# 
loop_
_ndb_struct_na_base_pair_step.model_number 
_ndb_struct_na_base_pair_step.i_label_asym_id_1 
_ndb_struct_na_base_pair_step.i_label_comp_id_1 
_ndb_struct_na_base_pair_step.i_label_seq_id_1 
_ndb_struct_na_base_pair_step.i_symmetry_1 
_ndb_struct_na_base_pair_step.j_label_asym_id_1 
_ndb_struct_na_base_pair_step.j_label_comp_id_1 
_ndb_struct_na_base_pair_step.j_label_seq_id_1 
_ndb_struct_na_base_pair_step.j_symmetry_1 
_ndb_struct_na_base_pair_step.i_label_asym_id_2 
_ndb_struct_na_base_pair_step.i_label_comp_id_2 
_ndb_struct_na_base_pair_step.i_label_seq_id_2 
_ndb_struct_na_base_pair_step.i_symmetry_2 
_ndb_struct_na_base_pair_step.j_label_asym_id_2 
_ndb_struct_na_base_pair_step.j_label_comp_id_2 
_ndb_struct_na_base_pair_step.j_label_seq_id_2 
_ndb_struct_na_base_pair_step.j_symmetry_2 
_ndb_struct_na_base_pair_step.shift 
_ndb_struct_na_base_pair_step.slide 
_ndb_struct_na_base_pair_step.rise 
_ndb_struct_na_base_pair_step.tilt 
_ndb_struct_na_base_pair_step.roll 
_ndb_struct_na_base_pair_step.twist 
_ndb_struct_na_base_pair_step.x_displacement 
_ndb_struct_na_base_pair_step.y_displacement 
_ndb_struct_na_base_pair_step.helical_rise 
_ndb_struct_na_base_pair_step.inclination 
_ndb_struct_na_base_pair_step.tip 
_ndb_struct_na_base_pair_step.helical_twist 
_ndb_struct_na_base_pair_step.step_number 
_ndb_struct_na_base_pair_step.step_name 
_ndb_struct_na_base_pair_step.i_auth_asym_id_1 
_ndb_struct_na_base_pair_step.i_auth_seq_id_1 
_ndb_struct_na_base_pair_step.i_PDB_ins_code_1 
_ndb_struct_na_base_pair_step.j_auth_asym_id_1 
_ndb_struct_na_base_pair_step.j_auth_seq_id_1 
_ndb_struct_na_base_pair_step.j_PDB_ins_code_1 
_ndb_struct_na_base_pair_step.i_auth_asym_id_2 
_ndb_struct_na_base_pair_step.i_auth_seq_id_2 
_ndb_struct_na_base_pair_step.i_PDB_ins_code_2 
_ndb_struct_na_base_pair_step.j_auth_asym_id_2 
_ndb_struct_na_base_pair_step.j_auth_seq_id_2 
_ndb_struct_na_base_pair_step.j_PDB_ins_code_2 
1 A G  1  1_555 A C  11 4_555 A C  2  1_555 A G  10 4_555 0.288  -1.163 3.328 -1.420 0.101  37.196 -1.835 -0.642 3.312 0.159  
2.225  37.222 1 AA_G1C2:G10C11_AA   A 1  ? A 11 ? A 2  ? A 10 ? 
1 A C  2  1_555 A G  10 4_555 A G  3  1_555 A C  9  4_555 0.396  -1.854 3.431 3.095  14.656 31.603 -5.175 -0.221 2.392 25.214 
-5.325 34.891 2 AA_C2G3:C9G10_AA    A 2  ? A 10 ? A 3  ? A 9  ? 
1 A G  3  1_555 A C  9  4_555 A DA 4  1_555 A DT 7  4_555 -0.768 -0.566 3.426 0.070  -2.437 35.053 -0.555 1.284  3.455 -4.041 
-0.116 35.135 3 AA_G3DA4:DT7C9_AA   A 3  ? A 9  ? A 4  ? A 7  ? 
1 A DA 4  1_555 A DT 7  4_555 A DT 5  1_555 A DA 6  4_555 1.232  -0.924 3.095 -1.141 9.468  32.717 -2.939 -2.268 2.687 16.379 
1.973  34.042 4 AA_DA4DT5:DA6DT7_AA A 4  ? A 7  ? A 5  ? A 6  ? 
1 A DT 5  1_555 A DA 6  4_555 A DA 6  1_555 A DT 5  4_555 0.000  -1.390 3.195 0.000  10.939 29.524 -4.417 0.000  2.532 20.596 
0.000  31.443 5 AA_DT5DA6:DT5DA6_AA A 5  ? A 6  ? A 6  ? A 5  ? 
1 A DA 6  1_555 A DT 5  4_555 A DT 7  1_555 A DA 4  4_555 -1.232 -0.924 3.095 1.141  9.468  32.717 -2.939 2.268  2.687 16.379 
-1.973 34.042 6 AA_DA6DT7:DA4DT5_AA A 6  ? A 5  ? A 7  ? A 4  ? 
1 A DT 7  1_555 A DA 4  4_555 A C  9  1_555 A G  3  4_555 0.768  -0.566 3.426 -0.070 -2.438 35.053 -0.555 -1.284 3.455 -4.041 
0.116  35.135 7 AA_DT7C9:G3DA4_AA   A 7  ? A 4  ? A 9  ? A 3  ? 
1 A C  9  1_555 A G  3  4_555 A G  10 1_555 A C  2  4_555 -0.396 -1.854 3.431 -3.095 14.656 31.603 -5.175 0.221  2.392 25.214 
5.325  34.891 8 AA_C9G10:C2G3_AA    A 9  ? A 3  ? A 10 ? A 2  ? 
1 A G  10 1_555 A C  2  4_555 A C  11 1_555 A G  1  4_555 -0.288 -1.163 3.328 1.420  0.101  37.196 -1.835 0.642  3.312 0.159  
-2.225 37.222 9 AA_G10C11:G1C2_AA   A 10 ? A 2  ? A 11 ? A 1  ? 
# 
_atom_sites.entry_id                    248D 
_atom_sites.fract_transf_matrix[1][1]   -0.01976953 
_atom_sites.fract_transf_matrix[1][2]   0.03096412 
_atom_sites.fract_transf_matrix[1][3]   0.01192810 
_atom_sites.fract_transf_matrix[2][1]   0.01365392 
_atom_sites.fract_transf_matrix[2][2]   0.01649839 
_atom_sites.fract_transf_matrix[2][3]   -0.02019825 
_atom_sites.fract_transf_matrix[3][1]   -0.01256272 
_atom_sites.fract_transf_matrix[3][2]   -0.00361266 
_atom_sites.fract_transf_matrix[3][3]   -0.01144324 
_atom_sites.fract_transf_vector[1]      0.175746 
_atom_sites.fract_transf_vector[2]      0.046501 
_atom_sites.fract_transf_vector[3]      -0.057602 
# 
loop_
_atom_type.symbol 
C 
N 
O 
P 
# 
loop_
_atom_site.group_PDB 
_atom_site.id 
_atom_site.type_symbol 
_atom_site.label_atom_id 
_atom_site.label_alt_id 
_atom_site.label_comp_id 
_atom_site.label_asym_id 
_atom_site.label_entity_id 
_atom_site.label_seq_id 
_atom_site.pdbx_PDB_ins_code 
_atom_site.Cartn_x 
_atom_site.Cartn_y 
_atom_site.Cartn_z 
_atom_site.occupancy 
_atom_site.B_iso_or_equiv 
_atom_site.pdbx_formal_charge 
_atom_site.auth_seq_id 
_atom_site.auth_comp_id 
_atom_site.auth_asym_id 
_atom_site.auth_atom_id 
_atom_site.pdbx_PDB_model_num 
ATOM   1   O "O5'" . G   A 1 1  ? -14.221 4.831   -7.949  1.00 15.29 ? 1  G   A "O5'" 1 
ATOM   2   C "C5'" . G   A 1 1  ? -15.121 5.945   -7.822  1.00 14.21 ? 1  G   A "C5'" 1 
ATOM   3   C "C4'" . G   A 1 1  ? -16.258 5.805   -6.810  1.00 11.99 ? 1  G   A "C4'" 1 
ATOM   4   O "O4'" . G   A 1 1  ? -17.267 4.883   -7.239  1.00 11.15 ? 1  G   A "O4'" 1 
ATOM   5   C "C3'" . G   A 1 1  ? -15.765 5.326   -5.437  1.00 12.55 ? 1  G   A "C3'" 1 
ATOM   6   O "O3'" . G   A 1 1  ? -15.447 6.404   -4.576  1.00 10.88 ? 1  G   A "O3'" 1 
ATOM   7   C "C2'" . G   A 1 1  ? -16.981 4.625   -4.892  1.00 11.72 ? 1  G   A "C2'" 1 
ATOM   8   O "O2'" . G   A 1 1  ? -17.961 5.548   -4.510  1.00 13.36 ? 1  G   A "O2'" 1 
ATOM   9   C "C1'" . G   A 1 1  ? -17.537 3.985   -6.136  1.00 11.35 ? 1  G   A "C1'" 1 
ATOM   10  N N9    . G   A 1 1  ? -17.031 2.615   -6.418  1.00 11.68 ? 1  G   A N9    1 
ATOM   11  C C8    . G   A 1 1  ? -16.146 2.256   -7.378  1.00 10.19 ? 1  G   A C8    1 
ATOM   12  N N7    . G   A 1 1  ? -15.894 0.991   -7.436  1.00 11.49 ? 1  G   A N7    1 
ATOM   13  C C5    . G   A 1 1  ? -16.696 0.441   -6.438  1.00 11.83 ? 1  G   A C5    1 
ATOM   14  C C6    . G   A 1 1  ? -16.849 -0.929  -6.051  1.00 10.80 ? 1  G   A C6    1 
ATOM   15  O O6    . G   A 1 1  ? -16.286 -1.909  -6.556  1.00 10.76 ? 1  G   A O6    1 
ATOM   16  N N1    . G   A 1 1  ? -17.724 -1.061  -4.951  1.00 11.08 ? 1  G   A N1    1 
ATOM   17  C C2    . G   A 1 1  ? -18.383 -0.008  -4.338  1.00 11.65 ? 1  G   A C2    1 
ATOM   18  N N2    . G   A 1 1  ? -19.213 -0.293  -3.358  1.00 11.29 ? 1  G   A N2    1 
ATOM   19  N N3    . G   A 1 1  ? -18.250 1.277   -4.718  1.00 12.72 ? 1  G   A N3    1 
ATOM   20  C C4    . G   A 1 1  ? -17.383 1.436   -5.777  1.00 11.92 ? 1  G   A C4    1 
ATOM   21  P P     . C   A 1 2  ? -14.309 6.307   -3.461  1.00 12.33 ? 2  C   A P     1 
ATOM   22  O OP1   . C   A 1 2  ? -14.131 7.656   -2.885  1.00 13.53 ? 2  C   A OP1   1 
ATOM   23  O OP2   . C   A 1 2  ? -13.120 5.616   -4.022  1.00 11.23 ? 2  C   A OP2   1 
ATOM   24  O "O5'" . C   A 1 2  ? -14.907 5.361   -2.311  1.00 12.92 ? 2  C   A "O5'" 1 
ATOM   25  C "C5'" . C   A 1 2  ? -16.007 5.775   -1.491  1.00 11.22 ? 2  C   A "C5'" 1 
ATOM   26  C "C4'" . C   A 1 2  ? -16.620 4.565   -0.797  1.00 13.03 ? 2  C   A "C4'" 1 
ATOM   27  O "O4'" . C   A 1 2  ? -17.009 3.568   -1.769  1.00 13.80 ? 2  C   A "O4'" 1 
ATOM   28  C "C3'" . C   A 1 2  ? -15.587 3.804   0.041   1.00 14.57 ? 2  C   A "C3'" 1 
ATOM   29  O "O3'" . C   A 1 2  ? -15.242 4.388   1.312   1.00 14.37 ? 2  C   A "O3'" 1 
ATOM   30  C "C2'" . C   A 1 2  ? -16.237 2.424   0.161   1.00 14.16 ? 2  C   A "C2'" 1 
ATOM   31  O "O2'" . C   A 1 2  ? -17.324 2.477   1.119   1.00 15.60 ? 2  C   A "O2'" 1 
ATOM   32  C "C1'" . C   A 1 2  ? -16.768 2.239   -1.268  1.00 11.94 ? 2  C   A "C1'" 1 
ATOM   33  N N1    . C   A 1 2  ? -15.849 1.517   -2.167  1.00 11.44 ? 2  C   A N1    1 
ATOM   34  C C2    . C   A 1 2  ? -15.811 0.122   -2.119  1.00 11.10 ? 2  C   A C2    1 
ATOM   35  O O2    . C   A 1 2  ? -16.511 -0.506  -1.328  1.00 11.63 ? 2  C   A O2    1 
ATOM   36  N N3    . C   A 1 2  ? -14.975 -0.539  -2.987  1.00 10.76 ? 2  C   A N3    1 
ATOM   37  C C4    . C   A 1 2  ? -14.223 0.128   -3.870  1.00 8.32  ? 2  C   A C4    1 
ATOM   38  N N4    . C   A 1 2  ? -13.424 -0.522  -4.700  1.00 8.01  ? 2  C   A N4    1 
ATOM   39  C C5    . C   A 1 2  ? -14.255 1.552   -3.921  1.00 10.51 ? 2  C   A C5    1 
ATOM   40  C C6    . C   A 1 2  ? -15.077 2.190   -3.065  1.00 11.68 ? 2  C   A C6    1 
ATOM   41  P P     . G   A 1 3  ? -13.769 4.116   1.959   1.00 14.88 ? 3  G   A P     1 
ATOM   42  O OP1   . G   A 1 3  ? -13.772 4.857   3.243   1.00 16.03 ? 3  G   A OP1   1 
ATOM   43  O OP2   . G   A 1 3  ? -12.772 4.448   0.931   1.00 15.75 ? 3  G   A OP2   1 
ATOM   44  O "O5'" . G   A 1 3  ? -13.665 2.548   2.300   1.00 13.36 ? 3  G   A "O5'" 1 
ATOM   45  C "C5'" . G   A 1 3  ? -14.516 1.953   3.280   1.00 12.75 ? 3  G   A "C5'" 1 
ATOM   46  C "C4'" . G   A 1 3  ? -14.415 0.429   3.285   1.00 11.81 ? 3  G   A "C4'" 1 
ATOM   47  O "O4'" . G   A 1 3  ? -14.737 -0.169  2.041   1.00 11.17 ? 3  G   A "O4'" 1 
ATOM   48  C "C3'" . G   A 1 3  ? -13.028 -0.099  3.605   1.00 10.67 ? 3  G   A "C3'" 1 
ATOM   49  O "O3'" . G   A 1 3  ? -12.769 0.070   4.987   1.00 11.71 ? 3  G   A "O3'" 1 
ATOM   50  C "C2'" . G   A 1 3  ? -13.177 -1.541  3.219   1.00 11.91 ? 3  G   A "C2'" 1 
ATOM   51  O "O2'" . G   A 1 3  ? -14.070 -2.317  4.066   1.00 14.44 ? 3  G   A "O2'" 1 
ATOM   52  C "C1'" . G   A 1 3  ? -13.905 -1.336  1.935   1.00 12.21 ? 3  G   A "C1'" 1 
ATOM   53  N N9    . G   A 1 3  ? -13.094 -1.246  0.723   1.00 11.90 ? 3  G   A N9    1 
ATOM   54  C C8    . G   A 1 3  ? -12.822 -0.136  -0.011  1.00 12.80 ? 3  G   A C8    1 
ATOM   55  N N7    . G   A 1 3  ? -12.141 -0.375  -1.101  1.00 13.96 ? 3  G   A N7    1 
ATOM   56  C C5    . G   A 1 3  ? -11.963 -1.756  -1.092  1.00 10.89 ? 3  G   A C5    1 
ATOM   57  C C6    . G   A 1 3  ? -11.326 -2.590  -2.054  1.00 9.46  ? 3  G   A C6    1 
ATOM   58  O O6    . G   A 1 3  ? -10.786 -2.273  -3.125  1.00 8.25  ? 3  G   A O6    1 
ATOM   59  N N1    . G   A 1 3  ? -11.382 -3.903  -1.637  1.00 9.25  ? 3  G   A N1    1 
ATOM   60  C C2    . G   A 1 3  ? -11.977 -4.384  -0.473  1.00 9.39  ? 3  G   A C2    1 
ATOM   61  N N2    . G   A 1 3  ? -11.907 -5.692  -0.245  1.00 7.49  ? 3  G   A N2    1 
ATOM   62  N N3    . G   A 1 3  ? -12.593 -3.603  0.416   1.00 10.20 ? 3  G   A N3    1 
ATOM   63  C C4    . G   A 1 3  ? -12.544 -2.299  0.040   1.00 11.63 ? 3  G   A C4    1 
ATOM   64  P P     . DA  A 1 4  ? -11.323 0.161   5.606   1.00 13.84 ? 4  DA  A P     1 
ATOM   65  O OP1   . DA  A 1 4  ? -11.471 0.688   6.988   1.00 14.09 ? 4  DA  A OP1   1 
ATOM   66  O OP2   . DA  A 1 4  ? -10.420 0.863   4.648   1.00 16.45 ? 4  DA  A OP2   1 
ATOM   67  O "O5'" . DA  A 1 4  ? -10.761 -1.324  5.665   1.00 12.39 ? 4  DA  A "O5'" 1 
ATOM   68  C "C5'" . DA  A 1 4  ? -11.382 -2.365  6.435   1.00 12.42 ? 4  DA  A "C5'" 1 
ATOM   69  C "C4'" . DA  A 1 4  ? -11.013 -3.735  5.905   1.00 11.93 ? 4  DA  A "C4'" 1 
ATOM   70  O "O4'" . DA  A 1 4  ? -11.468 -3.980  4.575   1.00 10.02 ? 4  DA  A "O4'" 1 
ATOM   71  C "C3'" . DA  A 1 4  ? -9.487  -3.964  5.853   1.00 13.36 ? 4  DA  A "C3'" 1 
ATOM   72  O "O3'" . DA  A 1 4  ? -8.989  -4.272  7.145   1.00 13.49 ? 4  DA  A "O3'" 1 
ATOM   73  C "C2'" . DA  A 1 4  ? -9.436  -5.128  4.900   1.00 12.65 ? 4  DA  A "C2'" 1 
ATOM   74  C "C1'" . DA  A 1 4  ? -10.437 -4.703  3.846   1.00 12.18 ? 4  DA  A "C1'" 1 
ATOM   75  N N9    . DA  A 1 4  ? -9.819  -3.855  2.760   1.00 13.17 ? 4  DA  A N9    1 
ATOM   76  C C8    . DA  A 1 4  ? -9.798  -2.480  2.630   1.00 12.59 ? 4  DA  A C8    1 
ATOM   77  N N7    . DA  A 1 4  ? -9.220  -2.032  1.557   1.00 12.65 ? 4  DA  A N7    1 
ATOM   78  C C5    . DA  A 1 4  ? -8.852  -3.185  0.893   1.00 11.91 ? 4  DA  A C5    1 
ATOM   79  C C6    . DA  A 1 4  ? -8.192  -3.379  -0.326  1.00 12.29 ? 4  DA  A C6    1 
ATOM   80  N N6    . DA  A 1 4  ? -7.788  -2.346  -1.079  1.00 10.65 ? 4  DA  A N6    1 
ATOM   81  N N1    . DA  A 1 4  ? -7.938  -4.650  -0.687  1.00 12.18 ? 4  DA  A N1    1 
ATOM   82  C C2    . DA  A 1 4  ? -8.326  -5.660  0.100   1.00 11.75 ? 4  DA  A C2    1 
ATOM   83  N N3    . DA  A 1 4  ? -8.975  -5.601  1.259   1.00 13.21 ? 4  DA  A N3    1 
ATOM   84  C C4    . DA  A 1 4  ? -9.199  -4.310  1.612   1.00 12.71 ? 4  DA  A C4    1 
ATOM   85  P P     . DT  A 1 5  ? -7.522  -3.903  7.656   1.00 14.28 ? 5  DT  A P     1 
ATOM   86  O OP1   . DT  A 1 5  ? -7.426  -4.507  9.012   1.00 14.73 ? 5  DT  A OP1   1 
ATOM   87  O OP2   . DT  A 1 5  ? -7.204  -2.469  7.474   1.00 11.37 ? 5  DT  A OP2   1 
ATOM   88  O "O5'" . DT  A 1 5  ? -6.482  -4.736  6.756   1.00 13.57 ? 5  DT  A "O5'" 1 
ATOM   89  C "C5'" . DT  A 1 5  ? -6.308  -6.163  6.812   1.00 11.65 ? 5  DT  A "C5'" 1 
ATOM   90  C "C4'" . DT  A 1 5  ? -5.653  -6.684  5.523   1.00 11.51 ? 5  DT  A "C4'" 1 
ATOM   91  O "O4'" . DT  A 1 5  ? -6.425  -6.402  4.341   1.00 12.65 ? 5  DT  A "O4'" 1 
ATOM   92  C "C3'" . DT  A 1 5  ? -4.325  -6.016  5.270   1.00 10.51 ? 5  DT  A "C3'" 1 
ATOM   93  O "O3'" . DT  A 1 5  ? -3.305  -6.521  6.105   1.00 9.71  ? 5  DT  A "O3'" 1 
ATOM   94  C "C2'" . DT  A 1 5  ? -4.209  -6.418  3.819   1.00 10.18 ? 5  DT  A "C2'" 1 
ATOM   95  C "C1'" . DT  A 1 5  ? -5.563  -6.156  3.224   1.00 10.21 ? 5  DT  A "C1'" 1 
ATOM   96  N N1    . DT  A 1 5  ? -5.640  -4.766  2.694   1.00 10.84 ? 5  DT  A N1    1 
ATOM   97  C C2    . DT  A 1 5  ? -5.157  -4.530  1.405   1.00 11.43 ? 5  DT  A C2    1 
ATOM   98  O O2    . DT  A 1 5  ? -4.698  -5.391  0.662   1.00 11.40 ? 5  DT  A O2    1 
ATOM   99  N N3    . DT  A 1 5  ? -5.220  -3.238  0.952   1.00 11.50 ? 5  DT  A N3    1 
ATOM   100 C C4    . DT  A 1 5  ? -5.689  -2.162  1.665   1.00 11.82 ? 5  DT  A C4    1 
ATOM   101 O O4    . DT  A 1 5  ? -5.690  -1.058  1.135   1.00 14.17 ? 5  DT  A O4    1 
ATOM   102 C C5    . DT  A 1 5  ? -6.147  -2.469  3.008   1.00 11.36 ? 5  DT  A C5    1 
ATOM   103 C C7    . DT  A 1 5  ? -6.683  -1.368  3.879   1.00 9.28  ? 5  DT  A C7    1 
ATOM   104 C C6    . DT  A 1 5  ? -6.106  -3.728  3.471   1.00 10.99 ? 5  DT  A C6    1 
ATOM   105 P P     . DA  A 1 6  ? -1.986  -5.683  6.339   1.00 12.12 ? 6  DA  A P     1 
ATOM   106 O OP1   . DA  A 1 6  ? -1.224  -6.252  7.449   1.00 12.72 ? 6  DA  A OP1   1 
ATOM   107 O OP2   . DA  A 1 6  ? -2.370  -4.260  6.503   1.00 15.23 ? 6  DA  A OP2   1 
ATOM   108 O "O5'" . DA  A 1 6  ? -1.212  -5.815  5.000   1.00 13.16 ? 6  DA  A "O5'" 1 
ATOM   109 C "C5'" . DA  A 1 6  ? -0.779  -7.115  4.583   1.00 15.29 ? 6  DA  A "C5'" 1 
ATOM   110 C "C4'" . DA  A 1 6  ? -0.326  -7.117  3.136   1.00 14.65 ? 6  DA  A "C4'" 1 
ATOM   111 O "O4'" . DA  A 1 6  ? -1.307  -6.542  2.258   1.00 14.93 ? 6  DA  A "O4'" 1 
ATOM   112 C "C3'" . DA  A 1 6  ? 0.930   -6.240  3.034   1.00 16.40 ? 6  DA  A "C3'" 1 
ATOM   113 O "O3'" . DA  A 1 6  ? 2.056   -7.062  3.261   1.00 17.98 ? 6  DA  A "O3'" 1 
ATOM   114 C "C2'" . DA  A 1 6  ? 0.847   -5.786  1.603   1.00 15.89 ? 6  DA  A "C2'" 1 
ATOM   115 C "C1'" . DA  A 1 6  ? -0.624  -5.601  1.405   1.00 13.85 ? 6  DA  A "C1'" 1 
ATOM   116 N N9    . DA  A 1 6  ? -1.107  -4.230  1.582   1.00 12.99 ? 6  DA  A N9    1 
ATOM   117 C C8    . DA  A 1 6  ? -1.794  -3.662  2.618   1.00 11.11 ? 6  DA  A C8    1 
ATOM   118 N N7    . DA  A 1 6  ? -2.183  -2.433  2.370   1.00 12.23 ? 6  DA  A N7    1 
ATOM   119 C C5    . DA  A 1 6  ? -1.755  -2.191  1.063   1.00 11.18 ? 6  DA  A C5    1 
ATOM   120 C C6    . DA  A 1 6  ? -1.880  -1.078  0.197   1.00 11.20 ? 6  DA  A C6    1 
ATOM   121 N N6    . DA  A 1 6  ? -2.493  0.073   0.534   1.00 10.73 ? 6  DA  A N6    1 
ATOM   122 N N1    . DA  A 1 6  ? -1.317  -1.194  -1.026  1.00 13.06 ? 6  DA  A N1    1 
ATOM   123 C C2    . DA  A 1 6  ? -0.701  -2.334  -1.363  1.00 12.96 ? 6  DA  A C2    1 
ATOM   124 N N3    . DA  A 1 6  ? -0.539  -3.441  -0.655  1.00 11.37 ? 6  DA  A N3    1 
ATOM   125 C C4    . DA  A 1 6  ? -1.098  -3.291  0.574   1.00 12.65 ? 6  DA  A C4    1 
ATOM   126 P P     . DT  A 1 7  ? 3.515   -6.530  3.625   1.00 18.61 ? 7  DT  A P     1 
ATOM   127 O OP1   . DT  A 1 7  ? 4.287   -7.720  4.045   1.00 21.10 ? 7  DT  A OP1   1 
ATOM   128 O OP2   . DT  A 1 7  ? 3.429   -5.316  4.477   1.00 19.99 ? 7  DT  A OP2   1 
ATOM   129 O "O5'" . DT  A 1 7  ? 4.086   -5.976  2.240   1.00 19.63 ? 7  DT  A "O5'" 1 
ATOM   130 C "C5'" . DT  A 1 7  ? 4.266   -6.766  1.056   1.00 17.29 ? 7  DT  A "C5'" 1 
ATOM   131 C "C4'" . DT  A 1 7  ? 4.743   -5.898  -0.100  1.00 15.78 ? 7  DT  A "C4'" 1 
ATOM   132 O "O4'" . DT  A 1 7  ? 3.878   -4.809  -0.540  1.00 17.15 ? 7  DT  A "O4'" 1 
ATOM   133 C "C3'" . DT  A 1 7  ? 6.099   -5.306  0.241   1.00 15.20 ? 7  DT  A "C3'" 1 
ATOM   134 O "O3'" . DT  A 1 7  ? 6.797   -5.475  -0.969  1.00 17.30 ? 7  DT  A "O3'" 1 
ATOM   135 C "C2'" . DT  A 1 7  ? 5.775   -3.836  0.534   1.00 13.50 ? 7  DT  A "C2'" 1 
ATOM   136 C "C1'" . DT  A 1 7  ? 4.545   -3.514  -0.351  1.00 13.41 ? 7  DT  A "C1'" 1 
ATOM   137 N N1    . DT  A 1 7  ? 3.571   -2.545  0.237   1.00 12.21 ? 7  DT  A N1    1 
ATOM   138 C C2    . DT  A 1 7  ? 3.146   -1.483  -0.543  1.00 10.97 ? 7  DT  A C2    1 
ATOM   139 O O2    . DT  A 1 7  ? 3.569   -1.241  -1.660  1.00 14.79 ? 7  DT  A O2    1 
ATOM   140 N N3    . DT  A 1 7  ? 2.214   -0.648  -0.005  1.00 9.91  ? 7  DT  A N3    1 
ATOM   141 C C4    . DT  A 1 7  ? 1.656   -0.768  1.242   1.00 11.43 ? 7  DT  A C4    1 
ATOM   142 O O4    . DT  A 1 7  ? 0.834   0.043   1.661   1.00 11.86 ? 7  DT  A O4    1 
ATOM   143 C C5    . DT  A 1 7  ? 2.116   -1.900  1.989   1.00 11.09 ? 7  DT  A C5    1 
ATOM   144 C C7    . DT  A 1 7  ? 1.549   -2.106  3.377   1.00 11.09 ? 7  DT  A C7    1 
ATOM   145 C C6    . DT  A 1 7  ? 3.035   -2.735  1.489   1.00 11.00 ? 7  DT  A C6    1 
ATOM   146 P P     . DA  A 1 8  ? 7.432   -6.842  -1.497  1.00 17.95 ? 8  DA  A P     1 
ATOM   147 O OP1   . DA  A 1 8  ? 7.759   -6.614  -2.911  1.00 23.25 ? 8  DA  A OP1   1 
ATOM   148 O OP2   . DA  A 1 8  ? 6.662   -8.045  -1.169  1.00 24.78 ? 8  DA  A OP2   1 
ATOM   149 O "O5'" . DA  A 1 8  ? 8.729   -6.976  -0.638  1.00 19.51 ? 8  DA  A "O5'" 1 
ATOM   150 C "C5'" . DA  A 1 8  ? 9.556   -5.860  -0.515  1.00 16.56 ? 8  DA  A "C5'" 1 
ATOM   151 C "C4'" . DA  A 1 8  ? 10.431  -6.178  0.601   1.00 16.30 ? 8  DA  A "C4'" 1 
ATOM   152 O "O4'" . DA  A 1 8  ? 11.375  -7.155  0.183   1.00 14.57 ? 8  DA  A "O4'" 1 
ATOM   153 C "C3'" . DA  A 1 8  ? 11.176  -4.932  0.943   1.00 17.20 ? 8  DA  A "C3'" 1 
ATOM   154 O "O3'" . DA  A 1 8  ? 10.344  -4.134  1.796   1.00 17.63 ? 8  DA  A "O3'" 1 
ATOM   155 C "C2'" . DA  A 1 8  ? 12.442  -5.491  1.562   1.00 14.96 ? 8  DA  A "C2'" 1 
ATOM   156 C "C1'" . DA  A 1 8  ? 12.624  -6.822  0.830   1.00 15.11 ? 8  DA  A "C1'" 1 
ATOM   157 N N9    . DA  A 1 8  ? 13.762  -6.829  -0.096  1.00 13.40 ? 8  DA  A N9    1 
ATOM   158 C C8    . DA  A 1 8  ? 14.742  -7.770  -0.139  1.00 13.81 ? 8  DA  A C8    1 
ATOM   159 N N7    . DA  A 1 8  ? 15.631  -7.570  -1.074  1.00 15.66 ? 8  DA  A N7    1 
ATOM   160 C C5    . DA  A 1 8  ? 15.197  -6.429  -1.702  1.00 13.61 ? 8  DA  A C5    1 
ATOM   161 C C6    . DA  A 1 8  ? 15.734  -5.699  -2.756  1.00 15.36 ? 8  DA  A C6    1 
ATOM   162 N N6    . DA  A 1 8  ? 16.874  -6.056  -3.381  1.00 13.97 ? 8  DA  A N6    1 
ATOM   163 N N1    . DA  A 1 8  ? 15.044  -4.608  -3.125  1.00 14.20 ? 8  DA  A N1    1 
ATOM   164 C C2    . DA  A 1 8  ? 13.929  -4.271  -2.496  1.00 13.54 ? 8  DA  A C2    1 
ATOM   165 N N3    . DA  A 1 8  ? 13.337  -4.858  -1.484  1.00 15.06 ? 8  DA  A N3    1 
ATOM   166 C C4    . DA  A 1 8  ? 14.042  -5.963  -1.124  1.00 14.49 ? 8  DA  A C4    1 
ATOM   167 P P     . C   A 1 9  ? 10.474  -2.511  1.920   1.00 17.37 ? 9  C   A P     1 
ATOM   168 O OP1   . C   A 1 9  ? 11.867  -2.120  1.632   1.00 15.36 ? 9  C   A OP1   1 
ATOM   169 O OP2   . C   A 1 9  ? 9.916   -2.102  3.219   1.00 17.79 ? 9  C   A OP2   1 
ATOM   170 O "O5'" . C   A 1 9  ? 9.513   -1.855  0.803   1.00 18.37 ? 9  C   A "O5'" 1 
ATOM   171 C "C5'" . C   A 1 9  ? 9.730   -1.956  -0.619  1.00 18.41 ? 9  C   A "C5'" 1 
ATOM   172 C "C4'" . C   A 1 9  ? 8.985   -0.854  -1.339  1.00 15.94 ? 9  C   A "C4'" 1 
ATOM   173 O "O4'" . C   A 1 9  ? 7.584   -1.007  -1.144  1.00 16.38 ? 9  C   A "O4'" 1 
ATOM   174 C "C3'" . C   A 1 9  ? 9.259   0.526   -0.745  1.00 13.99 ? 9  C   A "C3'" 1 
ATOM   175 O "O3'" . C   A 1 9  ? 10.547  1.078   -1.078  1.00 13.79 ? 9  C   A "O3'" 1 
ATOM   176 C "C2'" . C   A 1 9  ? 8.109   1.296   -1.386  1.00 15.41 ? 9  C   A "C2'" 1 
ATOM   177 O "O2'" . C   A 1 9  ? 8.380   1.603   -2.771  1.00 13.94 ? 9  C   A "O2'" 1 
ATOM   178 C "C1'" . C   A 1 9  ? 6.954   0.287   -1.214  1.00 14.83 ? 9  C   A "C1'" 1 
ATOM   179 N N1    . C   A 1 9  ? 6.094   0.568   -0.011  1.00 14.72 ? 9  C   A N1    1 
ATOM   180 C C2    . C   A 1 9  ? 5.178   1.629   -0.068  1.00 12.23 ? 9  C   A C2    1 
ATOM   181 O O2    . C   A 1 9  ? 5.043   2.354   -1.055  1.00 12.56 ? 9  C   A O2    1 
ATOM   182 N N3    . C   A 1 9  ? 4.420   1.866   1.031   1.00 12.88 ? 9  C   A N3    1 
ATOM   183 C C4    . C   A 1 9  ? 4.520   1.122   2.141   1.00 11.73 ? 9  C   A C4    1 
ATOM   184 N N4    . C   A 1 9  ? 3.722   1.418   3.161   1.00 10.83 ? 9  C   A N4    1 
ATOM   185 C C5    . C   A 1 9  ? 5.452   0.047   2.227   1.00 11.93 ? 9  C   A C5    1 
ATOM   186 C C6    . C   A 1 9  ? 6.205   -0.202  1.132   1.00 13.89 ? 9  C   A C6    1 
ATOM   187 P P     . G   A 1 10 ? 11.140  2.236   -0.200  1.00 13.70 ? 10 G   A P     1 
ATOM   188 O OP1   . G   A 1 10 ? 12.582  2.309   -0.531  1.00 11.20 ? 10 G   A OP1   1 
ATOM   189 O OP2   . G   A 1 10 ? 10.907  1.887   1.217   1.00 14.02 ? 10 G   A OP2   1 
ATOM   190 O "O5'" . G   A 1 10 ? 10.416  3.604   -0.496  1.00 13.36 ? 10 G   A "O5'" 1 
ATOM   191 C "C5'" . G   A 1 10 ? 10.596  4.248   -1.762  1.00 14.05 ? 10 G   A "C5'" 1 
ATOM   192 C "C4'" . G   A 1 10 ? 9.647   5.424   -1.903  1.00 13.86 ? 10 G   A "C4'" 1 
ATOM   193 O "O4'" . G   A 1 10 ? 8.315   5.011   -1.594  1.00 13.62 ? 10 G   A "O4'" 1 
ATOM   194 C "C3'" . G   A 1 10 ? 9.914   6.528   -0.893  1.00 11.91 ? 10 G   A "C3'" 1 
ATOM   195 O "O3'" . G   A 1 10 ? 10.932  7.358   -1.376  1.00 12.47 ? 10 G   A "O3'" 1 
ATOM   196 C "C2'" . G   A 1 10 ? 8.578   7.247   -0.840  1.00 11.99 ? 10 G   A "C2'" 1 
ATOM   197 O "O2'" . G   A 1 10 ? 8.307   8.025   -2.000  1.00 10.10 ? 10 G   A "O2'" 1 
ATOM   198 C "C1'" . G   A 1 10 ? 7.653   6.059   -0.881  1.00 11.93 ? 10 G   A "C1'" 1 
ATOM   199 N N9    . G   A 1 10 ? 7.147   5.512   0.383   1.00 12.23 ? 10 G   A N9    1 
ATOM   200 C C8    . G   A 1 10 ? 7.392   4.287   0.958   1.00 13.43 ? 10 G   A C8    1 
ATOM   201 N N7    . G   A 1 10 ? 6.713   4.067   2.053   1.00 12.50 ? 10 G   A N7    1 
ATOM   202 C C5    . G   A 1 10 ? 5.940   5.213   2.183   1.00 12.34 ? 10 G   A C5    1 
ATOM   203 C C6    . G   A 1 10 ? 4.995   5.564   3.180   1.00 10.92 ? 10 G   A C6    1 
ATOM   204 O O6    . G   A 1 10 ? 4.670   4.881   4.139   1.00 11.73 ? 10 G   A O6    1 
ATOM   205 N N1    . G   A 1 10 ? 4.446   6.837   2.980   1.00 11.60 ? 10 G   A N1    1 
ATOM   206 C C2    . G   A 1 10 ? 4.777   7.677   1.932   1.00 10.21 ? 10 G   A C2    1 
ATOM   207 N N2    . G   A 1 10 ? 4.183   8.871   1.847   1.00 9.38  ? 10 G   A N2    1 
ATOM   208 N N3    . G   A 1 10 ? 5.668   7.329   0.994   1.00 11.94 ? 10 G   A N3    1 
ATOM   209 C C4    . G   A 1 10 ? 6.213   6.106   1.177   1.00 11.86 ? 10 G   A C4    1 
ATOM   210 P P     . C   A 1 11 ? 11.817  8.188   -0.409  1.00 12.69 ? 11 C   A P     1 
ATOM   211 O OP1   . C   A 1 11 ? 12.716  8.960   -1.275  1.00 14.93 ? 11 C   A OP1   1 
ATOM   212 O OP2   . C   A 1 11 ? 12.462  7.344   0.603   1.00 13.46 ? 11 C   A OP2   1 
ATOM   213 O "O5'" . C   A 1 11 ? 10.858  9.171   0.352   1.00 14.18 ? 11 C   A "O5'" 1 
ATOM   214 C "C5'" . C   A 1 11 ? 10.291  10.302  -0.333  1.00 14.18 ? 11 C   A "C5'" 1 
ATOM   215 C "C4'" . C   A 1 11 ? 9.347   11.125  0.527   1.00 14.93 ? 11 C   A "C4'" 1 
ATOM   216 O "O4'" . C   A 1 11 ? 8.252   10.332  0.947   1.00 14.20 ? 11 C   A "O4'" 1 
ATOM   217 C "C3'" . C   A 1 11 ? 9.971   11.618  1.848   1.00 16.17 ? 11 C   A "C3'" 1 
ATOM   218 O "O3'" . C   A 1 11 ? 10.846  12.757  1.717   1.00 18.18 ? 11 C   A "O3'" 1 
ATOM   219 C "C2'" . C   A 1 11 ? 8.743   11.922  2.736   1.00 16.11 ? 11 C   A "C2'" 1 
ATOM   220 O "O2'" . C   A 1 11 ? 8.099   13.214  2.439   1.00 17.46 ? 11 C   A "O2'" 1 
ATOM   221 C "C1'" . C   A 1 11 ? 7.867   10.734  2.292   1.00 14.03 ? 11 C   A "C1'" 1 
ATOM   222 N N1    . C   A 1 11 ? 7.824   9.543   3.200   1.00 13.70 ? 11 C   A N1    1 
ATOM   223 C C2    . C   A 1 11 ? 6.857   9.535   4.183   1.00 12.65 ? 11 C   A C2    1 
ATOM   224 O O2    . C   A 1 11 ? 6.109   10.487  4.377   1.00 15.46 ? 11 C   A O2    1 
ATOM   225 N N3    . C   A 1 11 ? 6.759   8.433   4.964   1.00 13.50 ? 11 C   A N3    1 
ATOM   226 C C4    . C   A 1 11 ? 7.563   7.391   4.811   1.00 10.71 ? 11 C   A C4    1 
ATOM   227 N N4    . C   A 1 11 ? 7.385   6.363   5.627   1.00 8.53  ? 11 C   A N4    1 
ATOM   228 C C5    . C   A 1 11 ? 8.567   7.368   3.799   1.00 10.84 ? 11 C   A C5    1 
ATOM   229 C C6    . C   A 1 11 ? 8.658   8.461   3.026   1.00 10.91 ? 11 C   A C6    1 
HETATM 230 N N1    . SPM B 2 .  ? 13.728  -0.138  1.239   1.00 10.61 ? 12 SPM A N1    1 
HETATM 231 C C2    . SPM B 2 .  ? 14.851  -0.180  0.343   1.00 9.95  ? 12 SPM A C2    1 
HETATM 232 C C3    . SPM B 2 .  ? 14.529  -1.031  -0.901  1.00 14.07 ? 12 SPM A C3    1 
HETATM 233 C C4    . SPM B 2 .  ? 13.708  -0.396  -2.081  1.00 16.73 ? 12 SPM A C4    1 
HETATM 234 N N5    . SPM B 2 .  ? 14.265  0.889   -2.625  1.00 20.18 ? 12 SPM A N5    1 
HETATM 235 C C6    . SPM B 2 .  ? 13.803  1.275   -3.999  1.00 21.16 ? 12 SPM A C6    1 
HETATM 236 C C7    . SPM B 2 .  ? 14.929  1.236   -5.049  1.00 19.20 ? 12 SPM A C7    1 
HETATM 237 C C8    . SPM B 2 .  ? 15.968  2.350   -4.849  1.00 17.71 ? 12 SPM A C8    1 
HETATM 238 C C9    . SPM B 2 .  ? 17.105  2.101   -5.801  1.00 14.08 ? 12 SPM A C9    1 
HETATM 239 N N10   . SPM B 2 .  ? 18.297  2.969   -5.596  1.00 15.73 ? 12 SPM A N10   1 
HETATM 240 C C11   . SPM B 2 .  ? 19.423  2.581   -6.498  1.00 12.56 ? 12 SPM A C11   1 
HETATM 241 C C12   . SPM B 2 .  ? 19.062  2.393   -7.971  1.00 13.68 ? 12 SPM A C12   1 
HETATM 242 C C13   . SPM B 2 .  ? 20.358  2.122   -8.738  1.00 11.13 ? 12 SPM A C13   1 
HETATM 243 N N14   . SPM B 2 .  ? 20.055  1.697   -10.085 1.00 12.51 ? 12 SPM A N14   1 
HETATM 244 N N1    . SPM C 2 .  ? 8.878   -6.920  -5.269  1.00 14.82 ? 13 SPM A N1    1 
HETATM 245 C C2    . SPM C 2 .  ? 10.185  -6.365  -4.968  1.00 18.62 ? 13 SPM A C2    1 
HETATM 246 C C3    . SPM C 2 .  ? 10.618  -5.423  -6.027  1.00 17.99 ? 13 SPM A C3    1 
HETATM 247 C C4    . SPM C 2 .  ? 11.967  -4.913  -5.621  1.00 19.85 ? 13 SPM A C4    1 
HETATM 248 N N5    . SPM C 2 .  ? 12.367  -3.920  -6.648  1.00 18.84 ? 13 SPM A N5    1 
HETATM 249 C C6    . SPM C 2 .  ? 13.784  -3.492  -6.440  1.00 22.20 ? 13 SPM A C6    1 
HETATM 250 C C7    . SPM C 2 .  ? 14.438  -2.908  -7.704  1.00 23.80 ? 13 SPM A C7    1 
HETATM 251 C C8    . SPM C 2 .  ? 13.647  -1.750  -8.338  1.00 24.19 ? 13 SPM A C8    1 
HETATM 252 C C9    . SPM C 2 .  ? 14.542  -1.021  -9.330  1.00 26.14 ? 13 SPM A C9    1 
HETATM 253 N N10   . SPM C 2 .  ? 13.614  -0.399  -10.286 1.00 26.19 ? 13 SPM A N10   1 
HETATM 254 C C11   . SPM C 2 .  ? 14.111  0.748   -11.095 1.00 27.34 ? 13 SPM A C11   1 
HETATM 255 C C12   . SPM C 2 .  ? 12.785  1.251   -11.706 1.00 26.41 ? 13 SPM A C12   1 
HETATM 256 C C13   . SPM C 2 .  ? 12.779  2.564   -12.449 1.00 27.63 ? 13 SPM A C13   1 
HETATM 257 N N14   . SPM C 2 .  ? 12.826  3.742   -11.602 1.00 26.33 ? 13 SPM A N14   1 
HETATM 258 O O     . HOH D 3 .  ? 14.685  3.909   -0.542  0.5  34.83 ? 14 HOH A O     1 
HETATM 259 O O     . HOH D 3 .  ? -20.743 9.606   -4.844  1.00 14.95 ? 15 HOH A O     1 
HETATM 260 O O     . HOH D 3 .  ? -18.250 8.197   -5.265  1.00 20.50 ? 16 HOH A O     1 
HETATM 261 O O     . HOH D 3 .  ? 3.743   -0.119  5.940   1.00 9.48  ? 17 HOH A O     1 
HETATM 262 O O     . HOH D 3 .  ? 11.025  -2.077  -4.638  1.00 15.51 ? 18 HOH A O     1 
HETATM 263 O O     . HOH D 3 .  ? -12.766 -7.503  2.494   1.00 15.74 ? 19 HOH A O     1 
HETATM 264 O O     . HOH D 3 .  ? -16.356 9.875   -4.006  1.00 46.77 ? 20 HOH A O     1 
HETATM 265 O O     . HOH D 3 .  ? 17.156  -5.066  -6.692  1.00 32.14 ? 21 HOH A O     1 
HETATM 266 O O     . HOH D 3 .  ? 13.760  12.022  1.742   1.00 29.45 ? 22 HOH A O     1 
HETATM 267 O O     . HOH D 3 .  ? 14.549  -2.857  2.610   1.00 16.72 ? 23 HOH A O     1 
HETATM 268 O O     . HOH D 3 .  ? 16.161  -2.145  -4.340  1.00 32.12 ? 24 HOH A O     1 
HETATM 269 O O     . HOH D 3 .  ? -11.426 1.316   -6.331  1.00 2.00  ? 25 HOH A O     1 
HETATM 270 O O     . HOH D 3 .  ? 5.521   9.150   -1.218  1.00 41.51 ? 26 HOH A O     1 
HETATM 271 O O     . HOH D 3 .  ? 3.833   11.179  -0.434  1.00 33.08 ? 27 HOH A O     1 
HETATM 272 O O     . HOH D 3 .  ? 11.545  6.029   -10.378 1.00 26.67 ? 28 HOH A O     1 
HETATM 273 O O     . HOH D 3 .  ? 6.261   3.301   -4.125  1.00 29.55 ? 29 HOH A O     1 
HETATM 274 O O     . HOH D 3 .  ? -7.523  0.317   9.208   1.00 27.32 ? 30 HOH A O     1 
HETATM 275 O O     . HOH D 3 .  ? -2.910  -1.023  4.481   1.00 18.82 ? 31 HOH A O     1 
HETATM 276 O O     . HOH D 3 .  ? -4.343  -2.042  6.574   1.00 34.94 ? 32 HOH A O     1 
HETATM 277 O O     . HOH D 3 .  ? -10.435 -4.524  11.057  1.00 36.40 ? 33 HOH A O     1 
HETATM 278 O O     . HOH D 3 .  ? -1.800  -8.739  -0.164  1.00 37.38 ? 34 HOH A O     1 
HETATM 279 O O     . HOH D 3 .  ? -4.768  1.803   1.992   1.00 44.61 ? 35 HOH A O     1 
HETATM 280 O O     . HOH D 3 .  ? -10.705 3.821   7.601   1.00 31.53 ? 36 HOH A O     1 
HETATM 281 O O     . HOH D 3 .  ? 0.711   -7.041  9.385   1.00 28.71 ? 37 HOH A O     1 
HETATM 282 O O     . HOH D 3 .  ? 5.636   13.904  1.159   1.00 46.21 ? 38 HOH A O     1 
HETATM 283 O O     . HOH D 3 .  ? 12.336  3.783   -6.579  1.00 29.05 ? 39 HOH A O     1 
HETATM 284 O O     . HOH D 3 .  ? -8.742  -1.797  11.124  1.00 35.80 ? 40 HOH A O     1 
HETATM 285 O O     . HOH D 3 .  ? -10.346 0.697   9.209   1.00 33.77 ? 41 HOH A O     1 
HETATM 286 O O     . HOH D 3 .  ? 5.284   -2.992  4.494   1.00 26.57 ? 42 HOH A O     1 
HETATM 287 O O     . HOH D 3 .  ? 9.210   3.902   -5.259  1.00 42.76 ? 43 HOH A O     1 
HETATM 288 O O     . HOH D 3 .  ? 10.943  0.699   -8.532  1.00 34.45 ? 44 HOH A O     1 
HETATM 289 O O     . HOH D 3 .  ? 1.393   -9.384  0.352   1.00 45.36 ? 45 HOH A O     1 
HETATM 290 O O     . HOH D 3 .  ? 8.816   1.067   3.388   1.00 35.70 ? 46 HOH A O     1 
HETATM 291 O O     . HOH D 3 .  ? -7.480  1.164   6.753   1.00 42.21 ? 47 HOH A O     1 
HETATM 292 O O     . HOH D 3 .  ? 5.402   -10.525 2.990   1.00 34.08 ? 48 HOH A O     1 
HETATM 293 O O     . HOH D 3 .  ? 7.382   -4.360  6.891   1.00 37.78 ? 49 HOH A O     1 
HETATM 294 O O     . HOH D 3 .  ? -13.894 10.005  -1.629  1.00 37.38 ? 50 HOH A O     1 
HETATM 295 O O     . HOH D 3 .  ? 8.040   0.514   6.353   1.00 40.98 ? 51 HOH A O     1 
# 
